data_8FHU
#
_entry.id   8FHU
#
_cell.length_a   56.415
_cell.length_b   104.564
_cell.length_c   169.993
_cell.angle_alpha   90.000
_cell.angle_beta   90.000
_cell.angle_gamma   90.000
#
_symmetry.space_group_name_H-M   'P 21 21 21'
#
loop_
_entity.id
_entity.type
_entity.pdbx_description
1 polymer 'H-2 class I histocompatibility antigen, D-D alpha chain'
2 polymer Beta-2-microglobulin
3 polymer 'Pyruvate dehydrogenase phosphatase regulatory subunit, mitochondrial'
4 non-polymer 'POTASSIUM ION'
5 water water
#
loop_
_entity_poly.entity_id
_entity_poly.type
_entity_poly.pdbx_seq_one_letter_code
_entity_poly.pdbx_strand_id
1 'polypeptide(L)'
;MSHSLRYFVTAVSRPGFGEPRYMEVGYVDNTEFVRFDSDAENPRYEPRARWIEQEGPEYWERETRRAKGNEQSFRVDLRT
ALRYYNQSAGGSHTLQWMAGCDVESDGRLLRGYWQFAYDGCDYIALNEDLKTWTAADMAAQITRRKWEQAGAAERDRAYL
EGECVEWLRRYLKNGNATLLRTDPPKAHVTHHRRPEGDVTLRCWALGFYPADITLTWQLNGEELTQEMELVETRPAGDGT
FQKWASVVVPLGKEQKYTCHVEHEGLPEPLTLRWGKE
;
A,D
2 'polypeptide(L)'
;IQKTPQIQVYSRHPPENGKPNILNCYVTQFHPPHIEIQMLKNGKKIPKVEMSDMSFSKDWSFYILAHTEFTPTETDTYAC
RVKHDSMAEPKTVYWDRDM
;
B,E
3 'polypeptide(L)' IGPRAVDVL C,F
#
# COMPACT_ATOMS: atom_id res chain seq x y z
N SER A 2 -8.45 27.85 26.22
CA SER A 2 -7.30 26.92 26.38
C SER A 2 -6.65 26.61 25.03
N HIS A 3 -5.52 25.89 25.02
CA HIS A 3 -4.83 25.62 23.78
C HIS A 3 -4.53 24.13 23.69
N SER A 4 -4.22 23.65 22.48
CA SER A 4 -3.92 22.25 22.33
C SER A 4 -2.75 22.08 21.37
N LEU A 5 -1.92 21.05 21.60
CA LEU A 5 -0.96 20.57 20.62
C LEU A 5 -1.32 19.13 20.37
N ARG A 6 -1.49 18.73 19.10
CA ARG A 6 -1.86 17.36 18.78
C ARG A 6 -1.11 16.85 17.56
N TYR A 7 -0.77 15.54 17.57
CA TYR A 7 -0.18 14.86 16.43
C TYR A 7 -1.15 13.75 16.01
N PHE A 8 -1.42 13.70 14.69
CA PHE A 8 -2.29 12.73 14.05
C PHE A 8 -1.46 11.92 13.10
N VAL A 9 -1.42 10.60 13.35
CA VAL A 9 -0.52 9.73 12.59
C VAL A 9 -1.32 8.64 11.90
N THR A 10 -0.96 8.31 10.66
CA THR A 10 -1.63 7.23 9.92
C THR A 10 -0.60 6.35 9.25
N ALA A 11 -0.72 5.05 9.39
CA ALA A 11 -0.02 4.08 8.54
C ALA A 11 -1.02 3.21 7.78
N VAL A 12 -0.74 3.04 6.50
CA VAL A 12 -1.60 2.19 5.65
C VAL A 12 -0.73 1.14 4.96
N SER A 13 -1.01 -0.16 5.18
CA SER A 13 -0.21 -1.20 4.58
C SER A 13 -0.54 -1.27 3.07
N ARG A 14 0.47 -1.74 2.32
CA ARG A 14 0.38 -1.82 0.87
C ARG A 14 0.77 -3.25 0.50
N PRO A 15 -0.25 -4.14 0.39
CA PRO A 15 0.05 -5.54 0.10
C PRO A 15 0.87 -5.70 -1.18
N GLY A 16 1.82 -6.64 -1.13
CA GLY A 16 2.74 -6.98 -2.19
C GLY A 16 4.03 -6.80 -1.43
N PHE A 17 4.99 -6.15 -2.03
CA PHE A 17 6.25 -5.84 -1.36
C PHE A 17 6.48 -4.34 -1.14
N GLY A 18 6.93 -3.95 0.07
CA GLY A 18 7.31 -2.55 0.29
C GLY A 18 6.73 -1.98 1.58
N GLU A 19 7.14 -0.75 1.90
CA GLU A 19 6.83 -0.09 3.17
C GLU A 19 5.39 0.38 3.16
N PRO A 20 4.68 0.46 4.31
CA PRO A 20 3.37 1.08 4.34
C PRO A 20 3.56 2.57 4.07
N ARG A 21 2.49 3.21 3.62
CA ARG A 21 2.40 4.65 3.61
C ARG A 21 2.36 5.13 5.06
N TYR A 22 3.13 6.18 5.38
CA TYR A 22 3.24 6.61 6.76
C TYR A 22 3.22 8.13 6.76
N MET A 23 2.33 8.70 7.57
CA MET A 23 2.06 10.13 7.56
C MET A 23 1.96 10.60 9.01
N GLU A 24 2.52 11.78 9.31
CA GLU A 24 2.24 12.45 10.57
C GLU A 24 1.88 13.92 10.27
N VAL A 25 0.94 14.45 11.05
CA VAL A 25 0.54 15.85 10.97
C VAL A 25 0.45 16.40 12.38
N GLY A 26 1.02 17.61 12.60
CA GLY A 26 0.94 18.31 13.87
C GLY A 26 0.08 19.56 13.74
N TYR A 27 -0.66 19.80 14.83
CA TYR A 27 -1.61 20.90 14.94
C TYR A 27 -1.39 21.61 16.26
N VAL A 28 -1.57 22.96 16.21
CA VAL A 28 -1.76 23.82 17.37
C VAL A 28 -3.16 24.43 17.24
N ASP A 29 -4.00 24.20 18.27
CA ASP A 29 -5.40 24.63 18.26
C ASP A 29 -6.05 24.43 16.89
N ASN A 30 -6.08 23.17 16.43
CA ASN A 30 -6.73 22.78 15.20
C ASN A 30 -6.13 23.31 13.89
N THR A 31 -4.95 23.95 13.88
CA THR A 31 -4.36 24.25 12.58
C THR A 31 -2.98 23.63 12.40
N GLU A 32 -2.88 23.08 11.21
CA GLU A 32 -1.74 22.30 10.81
C GLU A 32 -0.47 23.17 10.84
N PHE A 33 0.59 22.72 11.52
CA PHE A 33 1.86 23.45 11.37
C PHE A 33 3.05 22.64 10.83
N VAL A 34 2.98 21.31 10.93
CA VAL A 34 4.04 20.47 10.39
C VAL A 34 3.41 19.22 9.77
N ARG A 35 4.15 18.58 8.85
CA ARG A 35 3.69 17.32 8.28
C ARG A 35 4.91 16.53 7.85
N PHE A 36 4.74 15.20 7.90
CA PHE A 36 5.68 14.22 7.38
C PHE A 36 4.91 13.23 6.52
N ASP A 37 5.49 12.88 5.36
CA ASP A 37 4.83 12.02 4.39
C ASP A 37 5.88 11.19 3.71
N SER A 38 5.81 9.89 4.01
CA SER A 38 6.75 8.91 3.47
C SER A 38 6.66 8.81 1.94
N ASP A 39 5.57 9.29 1.32
CA ASP A 39 5.59 9.32 -0.15
C ASP A 39 6.36 10.48 -0.80
N ALA A 40 6.82 11.49 -0.03
CA ALA A 40 7.73 12.50 -0.58
C ALA A 40 9.07 11.85 -0.94
N GLU A 41 9.78 12.49 -1.87
CA GLU A 41 10.97 11.90 -2.46
C GLU A 41 12.06 11.62 -1.42
N ASN A 42 12.47 12.65 -0.66
CA ASN A 42 13.44 12.46 0.41
C ASN A 42 12.72 12.83 1.71
N PRO A 43 11.88 11.98 2.29
CA PRO A 43 10.84 12.46 3.19
C PRO A 43 11.47 13.09 4.44
N ARG A 44 11.05 14.33 4.76
CA ARG A 44 11.46 15.07 5.96
C ARG A 44 10.21 15.62 6.66
N TYR A 45 10.30 15.91 7.97
CA TYR A 45 9.34 16.81 8.57
C TYR A 45 9.51 18.16 7.91
N GLU A 46 8.37 18.73 7.51
CA GLU A 46 8.28 19.97 6.76
C GLU A 46 7.45 20.97 7.52
N PRO A 47 7.80 22.28 7.45
CA PRO A 47 6.89 23.31 7.93
C PRO A 47 5.65 23.49 7.07
N ARG A 48 4.52 23.82 7.68
CA ARG A 48 3.31 24.07 6.90
C ARG A 48 2.75 25.47 7.13
N ALA A 49 3.54 26.35 7.76
CA ALA A 49 3.20 27.75 8.05
C ALA A 49 4.51 28.47 8.25
N ARG A 50 4.53 29.82 8.13
CA ARG A 50 5.76 30.61 8.17
C ARG A 50 6.34 30.57 9.59
N TRP A 51 5.49 30.64 10.63
CA TRP A 51 5.99 30.85 11.98
C TRP A 51 6.93 29.72 12.44
N ILE A 52 6.68 28.44 12.12
CA ILE A 52 7.48 27.33 12.61
C ILE A 52 8.83 27.24 11.88
N GLU A 53 8.96 27.91 10.72
CA GLU A 53 10.19 27.95 9.94
C GLU A 53 11.31 28.64 10.72
N GLN A 54 10.97 29.44 11.75
CA GLN A 54 11.98 29.99 12.65
C GLN A 54 12.77 28.89 13.40
N GLU A 55 12.26 27.65 13.50
CA GLU A 55 13.05 26.61 14.19
C GLU A 55 14.28 26.24 13.36
N GLY A 56 15.38 25.95 14.04
CA GLY A 56 16.65 25.68 13.38
C GLY A 56 16.80 24.24 12.91
N PRO A 57 17.94 23.91 12.23
CA PRO A 57 18.11 22.62 11.54
C PRO A 57 18.09 21.46 12.51
N GLU A 58 18.45 21.75 13.76
CA GLU A 58 18.37 20.74 14.78
C GLU A 58 16.93 20.20 15.01
N TYR A 59 15.96 21.08 15.19
CA TYR A 59 14.54 20.73 15.26
C TYR A 59 14.10 19.85 14.09
N TRP A 60 14.32 20.34 12.84
CA TRP A 60 13.94 19.59 11.65
C TRP A 60 14.57 18.21 11.57
N GLU A 61 15.83 18.12 11.99
CA GLU A 61 16.51 16.85 11.93
C GLU A 61 15.97 15.91 13.02
N ARG A 62 15.76 16.39 14.24
CA ARG A 62 15.31 15.50 15.30
C ARG A 62 13.87 15.02 15.01
N GLU A 63 13.03 15.92 14.54
CA GLU A 63 11.66 15.53 14.17
C GLU A 63 11.57 14.53 13.02
N THR A 64 12.36 14.75 11.94
CA THR A 64 12.48 13.79 10.86
C THR A 64 12.88 12.41 11.39
N ARG A 65 13.91 12.39 12.24
CA ARG A 65 14.35 11.12 12.86
C ARG A 65 13.29 10.43 13.70
N ARG A 66 12.54 11.20 14.45
CA ARG A 66 11.47 10.64 15.29
C ARG A 66 10.40 10.01 14.38
N ALA A 67 9.99 10.73 13.35
CA ALA A 67 9.01 10.22 12.37
C ALA A 67 9.48 8.90 11.73
N LYS A 68 10.76 8.80 11.38
CA LYS A 68 11.24 7.60 10.74
C LYS A 68 11.29 6.43 11.71
N GLY A 69 11.65 6.72 12.97
CA GLY A 69 11.56 5.75 14.06
C GLY A 69 10.10 5.28 14.24
N ASN A 70 9.14 6.24 14.25
CA ASN A 70 7.73 5.86 14.36
C ASN A 70 7.27 5.00 13.19
N GLU A 71 7.76 5.26 11.97
CA GLU A 71 7.41 4.51 10.79
C GLU A 71 7.75 3.05 11.02
N GLN A 72 8.94 2.79 11.60
CA GLN A 72 9.34 1.42 11.88
C GLN A 72 8.44 0.78 12.92
N SER A 73 8.13 1.48 14.03
CA SER A 73 7.22 0.90 15.04
C SER A 73 5.84 0.56 14.41
N PHE A 74 5.37 1.46 13.55
CA PHE A 74 4.09 1.25 12.87
C PHE A 74 4.12 0.04 11.93
N ARG A 75 5.28 -0.21 11.32
CA ARG A 75 5.41 -1.35 10.43
C ARG A 75 5.26 -2.64 11.23
N VAL A 76 5.93 -2.72 12.38
CA VAL A 76 5.86 -3.84 13.27
C VAL A 76 4.43 -4.00 13.79
N ASP A 77 3.83 -2.87 14.19
CA ASP A 77 2.44 -2.83 14.65
C ASP A 77 1.45 -3.43 13.66
N LEU A 78 1.59 -3.05 12.38
CA LEU A 78 0.69 -3.57 11.34
C LEU A 78 0.78 -5.09 11.20
N ARG A 79 2.01 -5.63 11.15
CA ARG A 79 2.22 -7.06 11.04
C ARG A 79 1.66 -7.80 12.28
N THR A 80 1.85 -7.22 13.46
CA THR A 80 1.35 -7.82 14.70
C THR A 80 -0.19 -7.89 14.67
N ALA A 81 -0.82 -6.79 14.26
CA ALA A 81 -2.28 -6.72 14.12
C ALA A 81 -2.80 -7.82 13.19
N LEU A 82 -2.06 -8.10 12.09
CA LEU A 82 -2.47 -9.19 11.21
C LEU A 82 -2.55 -10.51 11.98
N ARG A 83 -1.51 -10.84 12.74
CA ARG A 83 -1.48 -12.04 13.54
C ARG A 83 -2.59 -12.05 14.61
N TYR A 84 -2.80 -10.96 15.35
CA TYR A 84 -3.85 -10.99 16.37
C TYR A 84 -5.25 -11.22 15.80
N TYR A 85 -5.56 -10.67 14.61
CA TYR A 85 -6.88 -10.81 14.04
C TYR A 85 -6.94 -11.99 13.07
N ASN A 86 -5.85 -12.78 12.93
CA ASN A 86 -5.85 -13.85 11.96
C ASN A 86 -6.19 -13.36 10.53
N GLN A 87 -5.65 -12.22 10.10
CA GLN A 87 -5.91 -11.66 8.78
C GLN A 87 -4.79 -12.05 7.81
N SER A 88 -5.08 -12.01 6.51
CA SER A 88 -4.07 -12.32 5.50
C SER A 88 -3.21 -11.11 5.14
N ALA A 89 -2.03 -11.39 4.59
CA ALA A 89 -1.06 -10.41 4.16
C ALA A 89 -1.54 -9.61 2.94
N GLY A 90 -2.55 -10.07 2.21
CA GLY A 90 -2.90 -9.45 0.94
C GLY A 90 -3.92 -8.31 1.02
N GLY A 91 -4.43 -7.97 2.21
CA GLY A 91 -5.37 -6.86 2.32
C GLY A 91 -4.65 -5.61 2.82
N SER A 92 -5.20 -4.42 2.50
CA SER A 92 -4.71 -3.15 3.04
C SER A 92 -5.32 -2.98 4.44
N HIS A 93 -4.55 -2.50 5.42
CA HIS A 93 -5.11 -2.26 6.74
C HIS A 93 -4.54 -0.90 7.18
N THR A 94 -5.23 -0.20 8.09
CA THR A 94 -4.76 1.12 8.54
C THR A 94 -4.60 1.12 10.06
N LEU A 95 -3.57 1.81 10.54
CA LEU A 95 -3.46 2.05 11.97
C LEU A 95 -3.32 3.56 12.15
N GLN A 96 -4.14 4.14 13.03
CA GLN A 96 -4.13 5.59 13.29
C GLN A 96 -3.82 5.82 14.74
N TRP A 97 -3.20 6.97 15.01
CA TRP A 97 -2.86 7.37 16.38
C TRP A 97 -3.05 8.87 16.54
N MET A 98 -3.59 9.27 17.67
CA MET A 98 -3.68 10.68 18.04
C MET A 98 -3.03 10.81 19.41
N ALA A 99 -2.15 11.82 19.56
CA ALA A 99 -1.59 12.06 20.86
C ALA A 99 -1.42 13.56 21.03
N GLY A 100 -1.47 14.02 22.30
CA GLY A 100 -1.25 15.43 22.56
C GLY A 100 -1.97 15.92 23.81
N CYS A 101 -2.01 17.26 23.94
CA CYS A 101 -2.31 17.82 25.26
C CYS A 101 -3.26 18.99 25.10
N ASP A 102 -4.25 19.12 26.01
CA ASP A 102 -5.08 20.32 26.08
C ASP A 102 -4.67 21.04 27.35
N VAL A 103 -4.30 22.31 27.21
CA VAL A 103 -3.67 23.01 28.32
C VAL A 103 -4.46 24.29 28.64
N GLU A 104 -4.71 24.59 29.93
CA GLU A 104 -5.44 25.78 30.40
C GLU A 104 -4.55 27.03 30.40
N SER A 105 -5.17 28.19 30.69
CA SER A 105 -4.52 29.50 30.88
C SER A 105 -3.35 29.46 31.85
N ASP A 106 -3.58 28.84 33.03
CA ASP A 106 -2.65 28.80 34.16
C ASP A 106 -1.50 27.82 33.91
N GLY A 107 -1.51 27.18 32.73
CA GLY A 107 -0.51 26.17 32.41
C GLY A 107 -0.91 24.76 32.89
N ARG A 108 -2.04 24.56 33.57
CA ARG A 108 -2.45 23.18 33.93
C ARG A 108 -2.78 22.33 32.69
N LEU A 109 -2.34 21.06 32.71
CA LEU A 109 -2.78 20.09 31.73
C LEU A 109 -4.21 19.71 32.03
N LEU A 110 -5.05 20.02 31.07
CA LEU A 110 -6.45 19.74 31.20
C LEU A 110 -6.73 18.29 30.79
N ARG A 111 -6.12 17.82 29.69
CA ARG A 111 -6.31 16.43 29.30
C ARG A 111 -5.14 16.08 28.41
N GLY A 112 -4.65 14.87 28.62
CA GLY A 112 -3.69 14.29 27.71
C GLY A 112 -4.34 13.17 26.90
N TYR A 113 -3.88 12.96 25.66
CA TYR A 113 -4.45 11.95 24.75
C TYR A 113 -3.34 11.06 24.23
N TRP A 114 -3.65 9.77 24.11
CA TRP A 114 -2.72 8.83 23.51
C TRP A 114 -3.54 7.60 23.13
N GLN A 115 -3.92 7.56 21.86
CA GLN A 115 -4.91 6.56 21.47
C GLN A 115 -4.78 6.13 20.01
N PHE A 116 -5.24 4.87 19.77
CA PHE A 116 -5.05 4.21 18.48
C PHE A 116 -6.37 3.62 17.96
N ALA A 117 -6.51 3.59 16.63
CA ALA A 117 -7.57 2.90 15.91
C ALA A 117 -6.97 1.98 14.86
N TYR A 118 -7.56 0.78 14.76
CA TYR A 118 -7.22 -0.16 13.71
C TYR A 118 -8.41 -0.34 12.77
N ASP A 119 -8.16 -0.12 11.47
CA ASP A 119 -9.15 -0.18 10.40
C ASP A 119 -10.34 0.68 10.73
N GLY A 120 -10.10 1.86 11.35
CA GLY A 120 -11.14 2.84 11.61
C GLY A 120 -11.90 2.59 12.91
N CYS A 121 -11.55 1.59 13.74
CA CYS A 121 -12.28 1.42 14.97
C CYS A 121 -11.32 1.61 16.14
N ASP A 122 -11.84 2.14 17.25
CA ASP A 122 -11.09 2.22 18.50
C ASP A 122 -10.36 0.92 18.82
N TYR A 123 -9.07 1.05 19.16
CA TYR A 123 -8.23 -0.08 19.51
C TYR A 123 -7.84 0.02 20.99
N ILE A 124 -7.04 1.04 21.37
CA ILE A 124 -6.58 1.20 22.73
C ILE A 124 -6.40 2.69 22.98
N ALA A 125 -6.69 3.12 24.19
CA ALA A 125 -6.62 4.53 24.56
C ALA A 125 -6.11 4.70 25.99
N LEU A 126 -5.27 5.73 26.19
CA LEU A 126 -4.86 6.10 27.54
C LEU A 126 -6.01 6.84 28.20
N ASN A 127 -6.39 6.36 29.39
CA ASN A 127 -7.48 6.98 30.11
C ASN A 127 -7.05 8.35 30.65
N GLU A 128 -8.04 9.17 31.00
CA GLU A 128 -7.84 10.48 31.61
C GLU A 128 -6.86 10.46 32.79
N ASP A 129 -6.82 9.39 33.60
CA ASP A 129 -5.88 9.29 34.72
C ASP A 129 -4.40 9.25 34.27
N LEU A 130 -4.13 9.04 32.97
CA LEU A 130 -2.81 8.90 32.35
C LEU A 130 -2.04 7.75 32.99
N LYS A 131 -2.75 6.74 33.51
CA LYS A 131 -2.12 5.59 34.13
C LYS A 131 -2.71 4.27 33.63
N THR A 132 -3.97 4.23 33.18
CA THR A 132 -4.51 2.95 32.75
C THR A 132 -4.97 3.07 31.28
N TRP A 133 -5.15 1.92 30.61
CA TRP A 133 -5.57 1.80 29.23
C TRP A 133 -6.98 1.19 29.14
N THR A 134 -7.84 1.78 28.30
CA THR A 134 -9.05 1.13 27.78
C THR A 134 -8.71 0.37 26.49
N ALA A 135 -9.03 -0.94 26.51
CA ALA A 135 -8.84 -1.85 25.38
C ALA A 135 -10.19 -2.20 24.72
N ALA A 136 -10.35 -1.97 23.40
CA ALA A 136 -11.63 -2.17 22.74
C ALA A 136 -12.02 -3.66 22.57
N ASP A 137 -11.07 -4.60 22.51
CA ASP A 137 -11.30 -5.97 22.09
C ASP A 137 -10.16 -6.83 22.62
N MET A 138 -10.16 -8.11 22.24
CA MET A 138 -9.23 -9.08 22.77
C MET A 138 -7.80 -8.83 22.25
N ALA A 139 -7.66 -8.34 21.01
CA ALA A 139 -6.36 -8.01 20.45
C ALA A 139 -5.73 -6.93 21.33
N ALA A 140 -6.52 -5.90 21.65
CA ALA A 140 -6.04 -4.73 22.34
C ALA A 140 -5.79 -5.11 23.80
N GLN A 141 -6.39 -6.21 24.28
CA GLN A 141 -6.11 -6.65 25.65
C GLN A 141 -4.73 -7.27 25.69
N ILE A 142 -4.35 -7.96 24.60
CA ILE A 142 -3.00 -8.51 24.50
C ILE A 142 -2.01 -7.33 24.53
N THR A 143 -2.30 -6.29 23.71
CA THR A 143 -1.42 -5.11 23.70
C THR A 143 -1.35 -4.49 25.11
N ARG A 144 -2.51 -4.32 25.76
CA ARG A 144 -2.56 -3.73 27.09
C ARG A 144 -1.66 -4.46 28.09
N ARG A 145 -1.65 -5.80 28.06
CA ARG A 145 -0.86 -6.54 29.02
C ARG A 145 0.62 -6.27 28.75
N LYS A 146 0.99 -6.13 27.46
CA LYS A 146 2.40 -5.87 27.13
C LYS A 146 2.78 -4.47 27.61
N TRP A 147 1.82 -3.54 27.52
CA TRP A 147 2.16 -2.16 27.88
C TRP A 147 2.21 -1.95 29.40
N GLU A 148 1.34 -2.70 30.10
CA GLU A 148 1.37 -2.75 31.55
C GLU A 148 2.70 -3.29 32.02
N GLN A 149 3.22 -4.37 31.44
CA GLN A 149 4.51 -4.92 31.84
C GLN A 149 5.69 -3.97 31.50
N ALA A 150 5.64 -3.30 30.34
CA ALA A 150 6.68 -2.38 29.87
C ALA A 150 6.68 -1.06 30.67
N GLY A 151 5.60 -0.73 31.40
CA GLY A 151 5.44 0.61 31.97
C GLY A 151 5.28 1.71 30.92
N ALA A 152 4.66 1.36 29.77
CA ALA A 152 4.33 2.35 28.72
C ALA A 152 3.60 3.62 29.24
N ALA A 153 2.53 3.45 30.04
CA ALA A 153 1.72 4.62 30.41
C ALA A 153 2.56 5.68 31.15
N GLU A 154 3.48 5.25 31.99
CA GLU A 154 4.33 6.15 32.76
C GLU A 154 5.16 7.04 31.81
N ARG A 155 5.77 6.41 30.80
CA ARG A 155 6.56 7.13 29.79
C ARG A 155 5.72 8.01 28.90
N ASP A 156 4.54 7.52 28.50
CA ASP A 156 3.59 8.33 27.75
C ASP A 156 3.14 9.55 28.53
N ARG A 157 2.85 9.36 29.82
CA ARG A 157 2.34 10.45 30.62
C ARG A 157 3.44 11.51 30.77
N ALA A 158 4.72 11.04 30.90
CA ALA A 158 5.87 11.94 31.00
C ALA A 158 6.01 12.87 29.78
N TYR A 159 5.78 12.32 28.56
CA TYR A 159 5.71 13.16 27.37
C TYR A 159 4.53 14.14 27.45
N LEU A 160 3.35 13.63 27.76
CA LEU A 160 2.15 14.50 27.69
C LEU A 160 2.20 15.64 28.74
N GLU A 161 2.74 15.38 29.94
CA GLU A 161 2.80 16.40 31.00
C GLU A 161 4.02 17.32 30.78
N GLY A 162 5.06 16.76 30.15
CA GLY A 162 6.40 17.38 30.08
C GLY A 162 6.55 18.13 28.76
N GLU A 163 7.11 17.42 27.75
CA GLU A 163 7.44 18.02 26.46
C GLU A 163 6.21 18.59 25.80
N CYS A 164 5.09 17.87 25.86
CA CYS A 164 3.92 18.36 25.14
C CYS A 164 3.50 19.76 25.60
N VAL A 165 3.37 19.96 26.92
CA VAL A 165 3.05 21.24 27.55
C VAL A 165 4.14 22.28 27.26
N GLU A 166 5.41 21.85 27.45
CA GLU A 166 6.50 22.79 27.35
C GLU A 166 6.58 23.33 25.91
N TRP A 167 6.42 22.44 24.90
CA TRP A 167 6.60 22.84 23.50
C TRP A 167 5.40 23.66 23.02
N LEU A 168 4.24 23.30 23.60
CA LEU A 168 3.07 24.11 23.21
C LEU A 168 3.29 25.56 23.65
N ARG A 169 3.82 25.76 24.87
CA ARG A 169 4.02 27.11 25.38
C ARG A 169 5.04 27.81 24.48
N ARG A 170 6.07 27.08 24.05
CA ARG A 170 7.10 27.66 23.21
C ARG A 170 6.52 28.08 21.85
N TYR A 171 5.70 27.22 21.26
CA TYR A 171 5.06 27.51 19.97
C TYR A 171 4.13 28.72 20.05
N LEU A 172 3.34 28.81 21.12
CA LEU A 172 2.49 29.98 21.34
C LEU A 172 3.30 31.26 21.53
N LYS A 173 4.40 31.18 22.30
CA LYS A 173 5.29 32.34 22.43
C LYS A 173 5.83 32.83 21.06
N ASN A 174 6.25 31.91 20.17
CA ASN A 174 7.01 32.22 18.97
C ASN A 174 6.04 32.52 17.84
N GLY A 175 4.89 31.86 17.86
CA GLY A 175 4.02 31.92 16.71
C GLY A 175 2.62 32.44 17.01
N ASN A 176 2.41 33.10 18.14
CA ASN A 176 1.04 33.49 18.52
C ASN A 176 0.35 34.45 17.54
N ALA A 177 1.09 35.32 16.84
CA ALA A 177 0.58 36.12 15.72
C ALA A 177 -0.18 35.28 14.69
N THR A 178 0.33 34.11 14.31
CA THR A 178 -0.37 33.25 13.36
C THR A 178 -1.39 32.34 14.05
N LEU A 179 -0.95 31.68 15.13
CA LEU A 179 -1.75 30.63 15.75
C LEU A 179 -3.02 31.19 16.38
N LEU A 180 -2.93 32.41 16.92
CA LEU A 180 -4.04 33.10 17.55
C LEU A 180 -4.68 34.12 16.60
N ARG A 181 -4.46 34.00 15.27
CA ARG A 181 -4.97 35.05 14.39
C ARG A 181 -6.47 34.80 14.23
N THR A 182 -7.26 35.82 13.93
CA THR A 182 -8.68 35.61 13.59
C THR A 182 -9.06 36.49 12.40
N ASP A 183 -9.97 36.03 11.54
CA ASP A 183 -10.51 36.73 10.38
C ASP A 183 -12.00 36.65 10.63
N PRO A 184 -12.68 37.79 10.87
CA PRO A 184 -14.11 37.75 11.18
C PRO A 184 -14.86 37.38 9.90
N PRO A 185 -16.07 36.82 10.01
CA PRO A 185 -16.90 36.54 8.84
C PRO A 185 -17.36 37.81 8.11
N LYS A 186 -17.37 37.72 6.78
CA LYS A 186 -18.05 38.73 6.00
C LYS A 186 -19.41 38.12 5.66
N ALA A 187 -20.54 38.67 6.17
CA ALA A 187 -21.82 38.01 5.93
C ALA A 187 -22.60 38.78 4.87
N HIS A 188 -23.49 38.09 4.16
CA HIS A 188 -24.51 38.72 3.32
C HIS A 188 -25.69 37.75 3.20
N VAL A 189 -26.84 38.26 2.80
CA VAL A 189 -28.00 37.43 2.53
C VAL A 189 -28.30 37.42 1.03
N THR A 190 -28.59 36.24 0.46
CA THR A 190 -29.05 36.13 -0.92
C THR A 190 -30.52 35.73 -0.89
N HIS A 191 -31.24 36.03 -1.99
CA HIS A 191 -32.70 35.96 -2.12
C HIS A 191 -33.06 35.12 -3.35
N HIS A 192 -33.80 33.99 -3.22
CA HIS A 192 -34.00 33.08 -4.36
C HIS A 192 -35.48 32.76 -4.45
N ARG A 193 -36.13 33.27 -5.48
CA ARG A 193 -37.58 33.05 -5.55
C ARG A 193 -37.81 31.57 -5.86
N ARG A 194 -38.79 30.95 -5.25
CA ARG A 194 -38.94 29.55 -5.62
C ARG A 194 -40.08 29.43 -6.64
N PRO A 195 -40.18 28.28 -7.38
CA PRO A 195 -41.34 28.03 -8.24
C PRO A 195 -42.66 28.13 -7.45
N GLU A 196 -42.63 27.77 -6.14
CA GLU A 196 -43.79 27.72 -5.26
C GLU A 196 -44.31 29.11 -4.91
N GLY A 197 -43.53 30.16 -5.23
CA GLY A 197 -43.96 31.54 -5.09
C GLY A 197 -43.40 32.18 -3.82
N ASP A 198 -42.67 31.41 -3.00
CA ASP A 198 -42.08 31.93 -1.77
C ASP A 198 -40.57 32.05 -1.97
N VAL A 199 -39.79 32.39 -0.92
CA VAL A 199 -38.41 32.80 -1.17
C VAL A 199 -37.51 32.02 -0.24
N THR A 200 -36.36 31.62 -0.78
CA THR A 200 -35.32 31.15 0.10
C THR A 200 -34.41 32.34 0.42
N LEU A 201 -34.23 32.57 1.72
CA LEU A 201 -33.18 33.49 2.12
C LEU A 201 -32.00 32.68 2.64
N ARG A 202 -30.83 32.98 2.08
CA ARG A 202 -29.61 32.26 2.41
C ARG A 202 -28.63 33.27 3.04
N CYS A 203 -28.22 32.98 4.28
CA CYS A 203 -27.28 33.82 4.99
C CYS A 203 -25.91 33.15 4.87
N TRP A 204 -24.98 33.87 4.23
CA TRP A 204 -23.63 33.42 3.98
C TRP A 204 -22.67 34.04 5.00
N ALA A 205 -21.75 33.23 5.54
CA ALA A 205 -20.60 33.71 6.27
C ALA A 205 -19.39 33.25 5.49
N LEU A 206 -18.51 34.21 5.12
CA LEU A 206 -17.36 33.92 4.24
C LEU A 206 -16.07 34.48 4.82
N GLY A 207 -14.93 33.91 4.46
CA GLY A 207 -13.62 34.51 4.77
C GLY A 207 -13.30 34.46 6.26
N PHE A 208 -13.84 33.51 7.03
CA PHE A 208 -13.55 33.54 8.46
C PHE A 208 -12.57 32.44 8.92
N TYR A 209 -11.95 32.70 10.07
CA TYR A 209 -10.94 31.89 10.66
C TYR A 209 -10.89 32.26 12.13
N PRO A 210 -10.91 31.27 13.07
CA PRO A 210 -10.95 29.81 12.78
C PRO A 210 -12.34 29.31 12.38
N ALA A 211 -12.53 27.96 12.26
CA ALA A 211 -13.72 27.32 11.75
C ALA A 211 -14.99 27.48 12.58
N ASP A 212 -14.91 27.50 13.91
CA ASP A 212 -16.12 27.52 14.73
C ASP A 212 -16.90 28.82 14.49
N ILE A 213 -18.21 28.67 14.33
CA ILE A 213 -19.09 29.77 14.05
C ILE A 213 -20.48 29.29 14.46
N THR A 214 -21.37 30.23 14.81
CA THR A 214 -22.79 30.00 14.92
C THR A 214 -23.57 30.94 13.98
N LEU A 215 -24.39 30.32 13.12
CA LEU A 215 -25.31 31.03 12.25
C LEU A 215 -26.71 30.61 12.64
N THR A 216 -27.57 31.60 12.86
CA THR A 216 -28.98 31.33 13.11
C THR A 216 -29.86 32.34 12.36
N TRP A 217 -31.12 31.92 12.19
CA TRP A 217 -32.17 32.78 11.69
C TRP A 217 -33.14 33.03 12.83
N GLN A 218 -33.67 34.25 12.90
CA GLN A 218 -34.73 34.56 13.84
C GLN A 218 -35.86 35.27 13.12
N LEU A 219 -37.07 35.03 13.64
CA LEU A 219 -38.29 35.69 13.22
C LEU A 219 -38.92 36.31 14.46
N ASN A 220 -39.26 37.62 14.42
CA ASN A 220 -39.76 38.39 15.56
C ASN A 220 -38.94 38.08 16.81
N GLY A 221 -37.61 38.06 16.59
CA GLY A 221 -36.61 37.70 17.58
C GLY A 221 -36.86 36.41 18.37
N GLU A 222 -37.48 35.39 17.75
CA GLU A 222 -37.45 34.01 18.21
C GLU A 222 -36.68 33.11 17.22
N GLU A 223 -35.92 32.10 17.69
CA GLU A 223 -35.22 31.18 16.80
C GLU A 223 -36.20 30.16 16.20
N LEU A 224 -35.72 29.34 15.26
CA LEU A 224 -36.58 28.47 14.44
C LEU A 224 -35.77 27.39 13.68
N GLU A 227 -36.84 25.04 11.15
CA GLU A 227 -37.16 25.31 9.72
C GLU A 227 -35.87 25.49 8.90
N MET A 228 -34.68 25.40 9.49
CA MET A 228 -33.47 25.97 8.89
C MET A 228 -32.62 24.89 8.23
N GLU A 229 -32.15 25.13 7.00
CA GLU A 229 -31.15 24.28 6.37
C GLU A 229 -29.74 24.85 6.55
N LEU A 230 -28.72 24.00 6.75
CA LEU A 230 -27.48 24.52 7.33
C LEU A 230 -26.34 23.62 6.85
N VAL A 231 -25.43 24.09 5.99
CA VAL A 231 -24.36 23.22 5.53
C VAL A 231 -23.27 23.15 6.59
N GLU A 232 -22.53 22.04 6.58
CA GLU A 232 -21.33 21.89 7.39
C GLU A 232 -20.32 22.95 6.97
N THR A 233 -19.61 23.48 7.97
CA THR A 233 -18.56 24.44 7.72
C THR A 233 -17.52 23.85 6.76
N ARG A 234 -17.04 24.62 5.78
CA ARG A 234 -16.23 24.07 4.73
C ARG A 234 -15.05 24.99 4.40
N PRO A 235 -13.86 24.45 3.99
CA PRO A 235 -12.71 25.28 3.64
C PRO A 235 -12.88 25.98 2.29
N ALA A 236 -12.47 27.25 2.20
CA ALA A 236 -12.44 27.99 0.93
C ALA A 236 -11.30 27.52 0.03
N GLY A 237 -10.30 26.93 0.66
CA GLY A 237 -9.07 26.57 -0.02
C GLY A 237 -7.95 27.59 0.23
N ASP A 238 -8.25 28.75 0.81
CA ASP A 238 -7.19 29.72 1.05
C ASP A 238 -6.86 29.90 2.53
N GLY A 239 -7.28 28.97 3.42
CA GLY A 239 -7.06 29.05 4.85
C GLY A 239 -8.31 29.56 5.59
N THR A 240 -9.33 30.08 4.89
CA THR A 240 -10.52 30.62 5.55
C THR A 240 -11.65 29.62 5.36
N PHE A 241 -12.81 29.85 6.01
CA PHE A 241 -13.90 28.91 6.03
C PHE A 241 -15.18 29.59 5.53
N GLN A 242 -16.21 28.80 5.20
CA GLN A 242 -17.51 29.27 4.69
C GLN A 242 -18.59 28.44 5.36
N LYS A 243 -19.72 29.10 5.62
CA LYS A 243 -20.92 28.41 6.05
C LYS A 243 -22.11 29.21 5.54
N TRP A 244 -23.24 28.51 5.35
CA TRP A 244 -24.49 29.20 5.16
C TRP A 244 -25.63 28.51 5.89
N ALA A 245 -26.68 29.32 6.13
CA ALA A 245 -27.91 28.83 6.73
C ALA A 245 -29.05 29.43 5.93
N SER A 246 -30.14 28.69 5.67
CA SER A 246 -31.20 29.27 4.87
C SER A 246 -32.57 28.96 5.45
N VAL A 247 -33.56 29.82 5.14
CA VAL A 247 -34.96 29.57 5.47
C VAL A 247 -35.82 29.92 4.27
N VAL A 248 -37.04 29.38 4.28
CA VAL A 248 -38.04 29.65 3.26
C VAL A 248 -39.07 30.61 3.86
N VAL A 249 -39.30 31.76 3.24
CA VAL A 249 -40.20 32.77 3.80
C VAL A 249 -41.24 33.27 2.78
N PRO A 250 -42.39 33.91 3.14
CA PRO A 250 -43.24 34.54 2.12
C PRO A 250 -42.53 35.68 1.39
N LEU A 251 -42.73 35.74 0.05
CA LEU A 251 -42.40 36.94 -0.73
C LEU A 251 -43.14 38.14 -0.15
N GLY A 252 -42.39 39.23 0.10
CA GLY A 252 -42.86 40.43 0.80
C GLY A 252 -42.69 40.40 2.33
N LYS A 253 -42.15 39.35 2.92
CA LYS A 253 -42.05 39.38 4.37
C LYS A 253 -40.62 39.17 4.81
N GLU A 254 -39.70 39.34 3.84
CA GLU A 254 -38.28 39.11 4.06
C GLU A 254 -37.75 39.90 5.27
N GLN A 255 -38.27 41.13 5.50
CA GLN A 255 -37.78 42.09 6.48
C GLN A 255 -38.01 41.63 7.93
N LYS A 256 -38.92 40.68 8.18
CA LYS A 256 -39.19 40.20 9.52
C LYS A 256 -38.15 39.16 10.00
N TYR A 257 -37.29 38.69 9.07
CA TYR A 257 -36.30 37.67 9.36
C TYR A 257 -34.90 38.27 9.47
N THR A 258 -34.21 37.84 10.53
CA THR A 258 -32.83 38.27 10.73
C THR A 258 -31.91 37.07 10.90
N CYS A 259 -30.74 37.21 10.30
CA CYS A 259 -29.63 36.28 10.37
C CYS A 259 -28.62 36.83 11.40
N HIS A 260 -28.16 35.94 12.30
CA HIS A 260 -27.28 36.20 13.45
C HIS A 260 -26.01 35.36 13.33
N VAL A 261 -24.82 36.01 13.48
CA VAL A 261 -23.54 35.36 13.28
C VAL A 261 -22.71 35.65 14.52
N GLU A 262 -22.22 34.59 15.18
CA GLU A 262 -21.31 34.67 16.33
C GLU A 262 -20.02 33.99 15.93
N HIS A 263 -18.89 34.65 16.23
CA HIS A 263 -17.58 34.17 15.85
C HIS A 263 -16.57 34.96 16.68
N GLU A 264 -15.46 34.28 17.02
CA GLU A 264 -14.52 34.85 17.99
C GLU A 264 -13.79 36.05 17.36
N GLY A 265 -13.83 36.21 16.04
CA GLY A 265 -13.21 37.32 15.32
C GLY A 265 -14.05 38.60 15.29
N LEU A 266 -15.29 38.54 15.79
CA LEU A 266 -16.17 39.70 15.73
C LEU A 266 -16.08 40.46 17.04
N PRO A 267 -16.15 41.82 17.04
CA PRO A 267 -16.27 42.57 18.30
C PRO A 267 -17.59 42.32 19.06
N GLU A 268 -18.62 41.96 18.28
CA GLU A 268 -19.89 41.51 18.85
C GLU A 268 -20.73 40.77 17.77
N PRO A 269 -21.80 40.05 18.18
CA PRO A 269 -22.70 39.36 17.24
C PRO A 269 -23.21 40.21 16.07
N LEU A 270 -23.24 39.63 14.88
CA LEU A 270 -23.65 40.39 13.72
C LEU A 270 -25.11 40.03 13.48
N THR A 271 -25.89 41.01 13.02
CA THR A 271 -27.32 40.92 12.78
C THR A 271 -27.49 41.46 11.37
N LEU A 272 -28.08 40.67 10.44
CA LEU A 272 -28.30 41.23 9.12
C LEU A 272 -29.62 40.74 8.55
N ARG A 273 -30.04 41.38 7.45
CA ARG A 273 -31.29 41.06 6.75
C ARG A 273 -31.11 41.25 5.24
N TRP A 274 -32.10 40.81 4.41
CA TRP A 274 -32.07 40.99 2.96
C TRP A 274 -32.07 42.48 2.58
N GLN B 2 -16.32 0.45 7.27
CA GLN B 2 -16.50 1.27 6.04
C GLN B 2 -17.42 2.46 6.27
N LYS B 3 -16.90 3.66 6.00
CA LYS B 3 -17.69 4.87 6.20
C LYS B 3 -17.81 5.60 4.86
N THR B 4 -19.07 5.98 4.54
CA THR B 4 -19.47 6.56 3.26
C THR B 4 -19.14 8.06 3.14
N PRO B 5 -18.46 8.51 2.09
CA PRO B 5 -18.04 9.91 1.99
C PRO B 5 -19.19 10.88 1.85
N GLN B 6 -19.11 12.01 2.56
CA GLN B 6 -20.05 13.12 2.43
C GLN B 6 -19.38 14.11 1.52
N ILE B 7 -20.13 14.73 0.59
CA ILE B 7 -19.46 15.56 -0.42
C ILE B 7 -20.13 16.94 -0.40
N GLN B 8 -19.36 18.04 -0.48
CA GLN B 8 -19.89 19.34 -0.92
C GLN B 8 -19.12 19.86 -2.14
N VAL B 9 -19.83 20.45 -3.08
CA VAL B 9 -19.25 21.03 -4.29
C VAL B 9 -19.64 22.50 -4.30
N TYR B 10 -18.64 23.38 -4.36
CA TYR B 10 -18.89 24.81 -4.17
C TYR B 10 -17.69 25.66 -4.60
N SER B 11 -17.97 26.92 -4.92
CA SER B 11 -16.90 27.85 -5.29
C SER B 11 -16.26 28.55 -4.09
N ARG B 12 -14.97 28.90 -4.31
CA ARG B 12 -14.18 29.66 -3.37
C ARG B 12 -14.85 31.00 -3.07
N HIS B 13 -15.30 31.69 -4.12
CA HIS B 13 -15.80 33.04 -4.01
C HIS B 13 -17.21 33.01 -4.58
N PRO B 14 -18.11 33.94 -4.18
CA PRO B 14 -19.47 33.97 -4.75
C PRO B 14 -19.37 34.02 -6.28
N PRO B 15 -20.12 33.19 -6.99
CA PRO B 15 -19.72 32.89 -8.36
C PRO B 15 -20.15 34.00 -9.34
N GLU B 16 -19.20 34.56 -10.09
CA GLU B 16 -19.58 35.68 -10.96
C GLU B 16 -19.59 35.20 -12.39
N ASN B 17 -20.71 35.08 -13.15
CA ASN B 17 -20.51 34.66 -14.54
C ASN B 17 -19.47 35.55 -15.23
N GLY B 18 -18.39 34.94 -15.79
CA GLY B 18 -17.31 35.69 -16.40
C GLY B 18 -16.10 35.91 -15.48
N LYS B 19 -16.30 36.14 -14.17
CA LYS B 19 -15.16 36.35 -13.26
C LYS B 19 -14.46 35.04 -12.89
N PRO B 20 -13.12 34.88 -13.12
CA PRO B 20 -12.39 33.66 -12.74
C PRO B 20 -12.47 33.28 -11.25
N ASN B 21 -12.53 31.97 -10.95
CA ASN B 21 -12.88 31.48 -9.61
C ASN B 21 -12.21 30.13 -9.39
N ILE B 22 -12.48 29.47 -8.26
CA ILE B 22 -12.02 28.12 -7.99
C ILE B 22 -13.23 27.28 -7.64
N LEU B 23 -13.31 26.06 -8.21
CA LEU B 23 -14.29 25.07 -7.75
C LEU B 23 -13.66 24.06 -6.80
N ASN B 24 -14.35 23.84 -5.69
CA ASN B 24 -13.97 22.87 -4.65
C ASN B 24 -14.89 21.66 -4.61
N CYS B 25 -14.27 20.52 -4.34
CA CYS B 25 -15.01 19.33 -3.97
C CYS B 25 -14.46 18.81 -2.63
N TYR B 26 -15.22 19.04 -1.56
CA TYR B 26 -14.79 18.76 -0.19
C TYR B 26 -15.39 17.41 0.23
N VAL B 27 -14.53 16.44 0.55
CA VAL B 27 -14.98 15.06 0.81
C VAL B 27 -14.55 14.70 2.24
N THR B 28 -15.50 14.24 3.05
CA THR B 28 -15.30 14.02 4.47
C THR B 28 -15.98 12.71 4.91
N GLN B 29 -15.61 12.28 6.12
CA GLN B 29 -16.28 11.21 6.84
C GLN B 29 -16.12 9.85 6.17
N PHE B 30 -14.98 9.57 5.53
CA PHE B 30 -14.76 8.29 4.88
C PHE B 30 -13.68 7.45 5.57
N HIS B 31 -13.77 6.14 5.38
CA HIS B 31 -12.78 5.17 5.80
C HIS B 31 -13.05 3.93 4.99
N PRO B 32 -12.09 3.29 4.35
CA PRO B 32 -10.67 3.56 4.45
C PRO B 32 -10.24 4.79 3.65
N PRO B 33 -8.97 5.20 3.78
CA PRO B 33 -8.50 6.46 3.18
C PRO B 33 -8.35 6.41 1.65
N HIS B 34 -8.22 5.22 1.05
CA HIS B 34 -8.15 5.10 -0.42
C HIS B 34 -9.45 5.65 -1.00
N ILE B 35 -9.36 6.66 -1.89
CA ILE B 35 -10.51 7.26 -2.52
C ILE B 35 -10.09 7.78 -3.90
N GLU B 36 -11.05 7.82 -4.83
CA GLU B 36 -10.83 8.40 -6.15
C GLU B 36 -11.83 9.53 -6.33
N ILE B 37 -11.32 10.72 -6.64
CA ILE B 37 -12.16 11.89 -6.75
C ILE B 37 -11.89 12.50 -8.13
N GLN B 38 -12.93 12.78 -8.91
CA GLN B 38 -12.73 13.40 -10.21
C GLN B 38 -13.64 14.62 -10.30
N MET B 39 -13.22 15.67 -11.00
CA MET B 39 -14.10 16.79 -11.25
C MET B 39 -14.45 16.80 -12.74
N LEU B 40 -15.73 17.04 -13.06
CA LEU B 40 -16.31 16.97 -14.40
C LEU B 40 -16.79 18.37 -14.79
N LYS B 41 -16.67 18.68 -16.09
CA LYS B 41 -17.21 19.88 -16.73
C LYS B 41 -18.00 19.41 -17.94
N ASN B 42 -19.33 19.61 -17.88
CA ASN B 42 -20.30 19.12 -18.86
C ASN B 42 -20.10 17.61 -19.09
N GLY B 43 -19.96 16.87 -17.99
CA GLY B 43 -19.85 15.42 -18.07
C GLY B 43 -18.45 14.88 -18.36
N LYS B 44 -17.47 15.75 -18.70
CA LYS B 44 -16.13 15.26 -19.08
C LYS B 44 -15.11 15.57 -17.99
N LYS B 45 -14.11 14.70 -17.82
CA LYS B 45 -13.13 14.80 -16.76
C LYS B 45 -12.26 16.05 -16.97
N ILE B 46 -12.11 16.84 -15.90
CA ILE B 46 -11.19 17.97 -15.91
C ILE B 46 -9.79 17.45 -15.57
N PRO B 47 -8.72 17.76 -16.38
CA PRO B 47 -7.35 17.56 -15.90
C PRO B 47 -6.96 18.76 -15.01
N VAL B 49 -6.74 19.19 -11.87
CA VAL B 49 -7.31 19.04 -10.48
C VAL B 49 -6.20 18.87 -9.44
N GLU B 50 -6.14 19.80 -8.49
CA GLU B 50 -5.25 19.61 -7.35
C GLU B 50 -6.04 19.05 -6.17
N MET B 51 -5.31 18.27 -5.39
CA MET B 51 -5.86 17.60 -4.23
C MET B 51 -5.05 18.06 -3.02
N SER B 52 -5.71 18.46 -1.92
CA SER B 52 -5.02 18.77 -0.69
C SER B 52 -4.33 17.47 -0.23
N ASP B 53 -3.46 17.54 0.78
CA ASP B 53 -2.92 16.33 1.39
C ASP B 53 -3.96 15.77 2.35
N MET B 54 -3.88 14.48 2.70
CA MET B 54 -4.97 13.91 3.46
C MET B 54 -4.80 14.15 4.95
N SER B 55 -5.93 14.27 5.62
CA SER B 55 -6.06 14.51 7.02
C SER B 55 -7.12 13.53 7.55
N PHE B 56 -7.14 13.34 8.87
CA PHE B 56 -8.26 12.66 9.50
C PHE B 56 -8.70 13.52 10.66
N SER B 57 -9.96 13.33 11.00
CA SER B 57 -10.58 14.10 12.04
C SER B 57 -10.61 13.26 13.33
N LYS B 58 -11.04 13.91 14.42
CA LYS B 58 -10.97 13.34 15.75
C LYS B 58 -11.84 12.07 15.85
N ASP B 59 -12.82 11.81 14.96
CA ASP B 59 -13.56 10.55 15.00
C ASP B 59 -12.88 9.48 14.11
N TRP B 60 -11.63 9.73 13.63
CA TRP B 60 -10.81 8.79 12.86
C TRP B 60 -11.09 8.84 11.37
N SER B 61 -12.16 9.54 10.95
CA SER B 61 -12.62 9.51 9.57
C SER B 61 -11.79 10.52 8.77
N PHE B 62 -11.49 10.20 7.49
CA PHE B 62 -10.61 11.02 6.65
C PHE B 62 -11.34 12.12 5.91
N TYR B 63 -10.57 13.13 5.50
CA TYR B 63 -11.13 14.21 4.68
C TYR B 63 -10.07 14.82 3.76
N ILE B 64 -10.54 15.36 2.63
CA ILE B 64 -9.67 15.90 1.61
C ILE B 64 -10.44 16.91 0.78
N LEU B 65 -9.68 17.82 0.16
CA LEU B 65 -10.22 18.90 -0.63
C LEU B 65 -9.66 18.80 -2.05
N ALA B 66 -10.53 18.60 -3.05
CA ALA B 66 -10.10 18.70 -4.44
C ALA B 66 -10.47 20.08 -4.93
N HIS B 67 -9.67 20.65 -5.85
CA HIS B 67 -10.09 21.90 -6.45
C HIS B 67 -9.53 22.07 -7.86
N THR B 68 -10.11 23.02 -8.59
CA THR B 68 -9.72 23.30 -9.97
C THR B 68 -10.10 24.75 -10.30
N GLU B 69 -9.34 25.36 -11.20
CA GLU B 69 -9.59 26.75 -11.58
C GLU B 69 -10.77 26.84 -12.56
N PHE B 70 -11.69 27.80 -12.45
CA PHE B 70 -12.74 27.77 -13.46
C PHE B 70 -13.38 29.12 -13.59
N THR B 71 -14.08 29.30 -14.71
CA THR B 71 -14.71 30.56 -15.00
C THR B 71 -16.19 30.32 -15.30
N PRO B 72 -17.08 30.57 -14.33
CA PRO B 72 -18.50 30.23 -14.51
C PRO B 72 -19.15 31.01 -15.65
N THR B 73 -20.07 30.33 -16.33
CA THR B 73 -20.88 30.80 -17.45
C THR B 73 -22.33 30.45 -17.13
N GLU B 74 -23.28 31.03 -17.86
CA GLU B 74 -24.70 30.74 -17.74
C GLU B 74 -24.97 29.23 -17.88
N THR B 75 -24.11 28.49 -18.63
CA THR B 75 -24.53 27.24 -19.30
C THR B 75 -23.66 26.00 -18.99
N ASP B 76 -22.37 26.24 -18.66
CA ASP B 76 -21.47 25.18 -18.19
C ASP B 76 -21.98 24.56 -16.88
N THR B 77 -22.18 23.23 -16.86
CA THR B 77 -22.41 22.47 -15.65
C THR B 77 -21.15 21.75 -15.18
N TYR B 78 -21.04 21.61 -13.86
CA TYR B 78 -19.90 21.06 -13.16
C TYR B 78 -20.35 20.08 -12.08
N ALA B 79 -19.46 19.13 -11.75
CA ALA B 79 -19.75 18.06 -10.82
C ALA B 79 -18.45 17.49 -10.26
N CYS B 80 -18.63 16.78 -9.17
CA CYS B 80 -17.58 16.04 -8.50
C CYS B 80 -18.04 14.58 -8.48
N ARG B 81 -17.17 13.66 -8.88
CA ARG B 81 -17.53 12.26 -8.82
C ARG B 81 -16.53 11.51 -7.95
N VAL B 82 -17.05 10.67 -7.05
CA VAL B 82 -16.27 10.06 -6.01
C VAL B 82 -16.48 8.55 -6.06
N LYS B 83 -15.38 7.81 -6.13
CA LYS B 83 -15.53 6.36 -5.99
C LYS B 83 -14.85 5.90 -4.71
N HIS B 84 -15.52 5.06 -3.91
CA HIS B 84 -14.91 4.60 -2.66
C HIS B 84 -15.49 3.25 -2.32
N ASP B 85 -14.73 2.40 -1.61
CA ASP B 85 -15.18 1.04 -1.36
C ASP B 85 -16.48 0.90 -0.55
N SER B 86 -16.89 1.95 0.17
CA SER B 86 -18.12 1.96 0.96
C SER B 86 -19.35 2.03 0.06
N MET B 87 -19.19 2.35 -1.22
CA MET B 87 -20.38 2.47 -2.05
C MET B 87 -20.29 1.51 -3.23
N ALA B 88 -21.44 0.91 -3.63
CA ALA B 88 -21.62 0.09 -4.83
C ALA B 88 -21.17 0.80 -6.11
N GLU B 89 -21.48 2.09 -6.21
CA GLU B 89 -21.34 2.83 -7.46
C GLU B 89 -20.76 4.22 -7.17
N PRO B 90 -20.04 4.83 -8.14
CA PRO B 90 -19.56 6.20 -7.99
C PRO B 90 -20.69 7.16 -7.64
N LYS B 91 -20.39 8.16 -6.81
CA LYS B 91 -21.42 9.13 -6.43
C LYS B 91 -21.07 10.48 -7.05
N THR B 92 -22.03 11.05 -7.76
CA THR B 92 -21.79 12.28 -8.48
C THR B 92 -22.61 13.37 -7.81
N VAL B 93 -21.98 14.50 -7.49
CA VAL B 93 -22.72 15.63 -6.93
C VAL B 93 -22.50 16.83 -7.83
N TYR B 94 -23.58 17.51 -8.23
CA TYR B 94 -23.52 18.54 -9.26
C TYR B 94 -23.35 19.87 -8.56
N TRP B 95 -22.56 20.80 -9.13
CA TRP B 95 -22.46 22.11 -8.50
C TRP B 95 -23.76 22.88 -8.64
N ASP B 96 -24.26 23.43 -7.54
CA ASP B 96 -25.37 24.36 -7.57
C ASP B 96 -24.78 25.69 -7.14
N ARG B 97 -24.82 26.68 -8.05
CA ARG B 97 -24.15 27.97 -7.89
C ARG B 97 -24.76 28.76 -6.71
N ASP B 98 -25.99 28.42 -6.32
CA ASP B 98 -26.62 29.08 -5.17
C ASP B 98 -26.31 28.46 -3.79
N MET B 99 -25.39 27.45 -3.63
CA MET B 99 -25.20 26.65 -2.40
C MET B 99 -23.75 26.35 -1.95
N ILE C 1 6.95 19.54 19.92
CA ILE C 1 7.54 18.37 19.22
C ILE C 1 6.66 17.17 19.51
N GLY C 2 6.85 16.13 18.67
CA GLY C 2 5.87 15.08 18.61
C GLY C 2 6.27 13.85 19.45
N PRO C 3 5.36 12.87 19.60
CA PRO C 3 5.58 11.74 20.50
C PRO C 3 6.28 10.62 19.73
N ARG C 4 6.77 9.65 20.50
CA ARG C 4 7.45 8.47 19.95
C ARG C 4 6.67 7.23 20.39
N ALA C 5 6.21 6.45 19.40
CA ALA C 5 5.36 5.31 19.71
C ALA C 5 6.24 4.08 19.85
N VAL C 6 7.11 4.09 20.86
CA VAL C 6 8.13 3.06 20.93
C VAL C 6 7.58 1.70 21.41
N ASP C 7 6.51 1.69 22.20
CA ASP C 7 5.85 0.44 22.56
C ASP C 7 4.90 0.00 21.42
N VAL C 8 5.11 -1.24 21.01
CA VAL C 8 4.54 -1.88 19.83
C VAL C 8 3.35 -2.71 20.30
N LEU C 9 2.45 -3.02 19.35
CA LEU C 9 1.20 -3.66 19.72
C LEU C 9 1.46 -5.07 20.28
N SER D 2 18.91 -34.36 -14.68
CA SER D 2 19.79 -34.07 -13.52
C SER D 2 19.00 -33.30 -12.45
N HIS D 3 19.64 -32.94 -11.33
CA HIS D 3 18.91 -32.28 -10.25
C HIS D 3 19.70 -31.10 -9.72
N SER D 4 19.00 -30.19 -9.04
CA SER D 4 19.62 -28.96 -8.59
C SER D 4 19.18 -28.58 -7.20
N LEU D 5 20.12 -27.93 -6.49
CA LEU D 5 19.84 -27.28 -5.23
C LEU D 5 20.28 -25.84 -5.41
N ARG D 6 19.39 -24.90 -5.13
CA ARG D 6 19.75 -23.50 -5.29
C ARG D 6 19.19 -22.62 -4.18
N TYR D 7 19.92 -21.55 -3.86
CA TYR D 7 19.46 -20.54 -2.90
C TYR D 7 19.46 -19.18 -3.60
N PHE D 8 18.36 -18.46 -3.41
CA PHE D 8 18.04 -17.16 -3.95
C PHE D 8 17.92 -16.20 -2.79
N VAL D 9 18.78 -15.19 -2.79
CA VAL D 9 18.83 -14.26 -1.68
C VAL D 9 18.62 -12.85 -2.17
N THR D 10 17.85 -12.11 -1.38
CA THR D 10 17.60 -10.74 -1.74
C THR D 10 17.73 -9.80 -0.54
N ALA D 11 18.37 -8.63 -0.75
CA ALA D 11 18.40 -7.62 0.27
C ALA D 11 17.99 -6.30 -0.37
N VAL D 12 17.04 -5.64 0.29
CA VAL D 12 16.49 -4.40 -0.23
C VAL D 12 16.61 -3.29 0.81
N SER D 13 17.37 -2.22 0.49
CA SER D 13 17.60 -1.16 1.45
C SER D 13 16.36 -0.28 1.59
N ARG D 14 16.19 0.30 2.79
CA ARG D 14 15.13 1.27 3.03
C ARG D 14 15.71 2.38 3.91
N PRO D 15 16.63 3.17 3.37
CA PRO D 15 17.49 4.02 4.23
C PRO D 15 16.62 5.00 5.02
N GLY D 16 17.00 5.22 6.29
CA GLY D 16 16.22 6.00 7.25
C GLY D 16 15.20 5.14 8.01
N PHE D 17 14.79 4.02 7.41
CA PHE D 17 13.72 3.21 7.97
C PHE D 17 14.28 1.91 8.54
N GLY D 18 15.51 1.98 9.06
CA GLY D 18 16.17 0.86 9.71
C GLY D 18 16.95 -0.01 8.71
N GLU D 19 17.18 -1.29 9.07
CA GLU D 19 18.07 -2.21 8.37
C GLU D 19 17.41 -2.67 7.07
N PRO D 20 18.18 -3.11 6.03
CA PRO D 20 17.57 -3.65 4.82
C PRO D 20 16.71 -4.86 5.12
N ARG D 21 15.66 -5.00 4.30
CA ARG D 21 14.91 -6.22 4.30
C ARG D 21 15.76 -7.31 3.67
N TYR D 22 15.73 -8.48 4.31
CA TYR D 22 16.63 -9.54 3.88
C TYR D 22 15.87 -10.85 3.83
N MET D 23 15.99 -11.56 2.71
CA MET D 23 15.26 -12.79 2.51
C MET D 23 16.19 -13.84 1.91
N GLU D 24 15.93 -15.11 2.26
CA GLU D 24 16.52 -16.23 1.57
C GLU D 24 15.43 -17.22 1.25
N VAL D 25 15.53 -17.77 0.03
CA VAL D 25 14.67 -18.89 -0.36
C VAL D 25 15.51 -20.03 -0.90
N GLY D 26 15.25 -21.26 -0.41
CA GLY D 26 15.86 -22.51 -0.87
C GLY D 26 14.93 -23.33 -1.79
N TYR D 27 15.52 -23.89 -2.86
CA TYR D 27 14.86 -24.74 -3.87
C TYR D 27 15.64 -26.03 -4.16
N VAL D 28 14.87 -27.12 -4.35
CA VAL D 28 15.32 -28.37 -4.99
C VAL D 28 14.51 -28.56 -6.27
N ASP D 29 15.23 -28.74 -7.39
CA ASP D 29 14.63 -28.82 -8.72
C ASP D 29 13.47 -27.84 -8.88
N ASN D 30 13.67 -26.56 -8.60
CA ASN D 30 12.62 -25.57 -8.82
C ASN D 30 11.43 -25.67 -7.84
N THR D 31 11.53 -26.42 -6.74
CA THR D 31 10.50 -26.38 -5.71
C THR D 31 11.05 -25.78 -4.42
N GLU D 32 10.29 -24.83 -3.91
CA GLU D 32 10.68 -24.10 -2.73
C GLU D 32 10.65 -25.06 -1.54
N PHE D 33 11.71 -25.11 -0.70
CA PHE D 33 11.58 -25.94 0.49
C PHE D 33 11.92 -25.26 1.80
N VAL D 34 12.61 -24.08 1.77
CA VAL D 34 12.91 -23.34 2.99
C VAL D 34 12.89 -21.83 2.71
N ARG D 35 12.68 -21.05 3.76
CA ARG D 35 12.64 -19.60 3.63
C ARG D 35 13.11 -18.94 4.93
N PHE D 36 13.71 -17.75 4.75
CA PHE D 36 14.03 -16.82 5.83
C PHE D 36 13.57 -15.41 5.45
N ASP D 37 13.03 -14.67 6.42
CA ASP D 37 12.65 -13.28 6.21
C ASP D 37 12.97 -12.46 7.46
N SER D 38 13.79 -11.41 7.28
CA SER D 38 14.28 -10.57 8.38
C SER D 38 13.11 -9.82 9.03
N ASP D 39 11.98 -9.65 8.34
CA ASP D 39 10.91 -8.85 8.94
C ASP D 39 9.82 -9.67 9.65
N ALA D 40 9.92 -11.00 9.61
CA ALA D 40 9.04 -11.92 10.33
C ALA D 40 9.13 -11.69 11.84
N GLU D 41 8.00 -11.91 12.52
CA GLU D 41 7.95 -11.75 13.98
C GLU D 41 9.05 -12.59 14.67
N ASN D 42 9.29 -13.84 14.26
CA ASN D 42 10.38 -14.61 14.84
C ASN D 42 11.38 -14.98 13.74
N PRO D 43 12.38 -14.15 13.43
CA PRO D 43 13.15 -14.36 12.20
C PRO D 43 14.02 -15.60 12.38
N ARG D 44 13.65 -16.67 11.66
CA ARG D 44 14.18 -18.02 11.69
C ARG D 44 14.03 -18.57 10.28
N TYR D 45 14.95 -19.47 9.90
CA TYR D 45 14.74 -20.31 8.75
C TYR D 45 13.49 -21.16 9.04
N GLU D 46 12.61 -21.26 8.05
CA GLU D 46 11.32 -21.93 8.20
C GLU D 46 11.14 -23.03 7.14
N PRO D 47 10.52 -24.19 7.51
CA PRO D 47 10.13 -25.19 6.51
C PRO D 47 9.04 -24.67 5.57
N ARG D 48 9.13 -25.05 4.29
CA ARG D 48 8.08 -24.74 3.34
C ARG D 48 7.64 -25.98 2.56
N ALA D 49 8.21 -27.14 2.85
CA ALA D 49 7.70 -28.38 2.27
C ALA D 49 7.57 -29.36 3.42
N ARG D 50 6.77 -30.44 3.27
CA ARG D 50 6.49 -31.38 4.36
C ARG D 50 7.76 -32.18 4.68
N TRP D 51 8.51 -32.52 3.63
CA TRP D 51 9.60 -33.48 3.72
C TRP D 51 10.85 -32.96 4.45
N ILE D 52 11.02 -31.62 4.50
CA ILE D 52 12.11 -30.97 5.23
C ILE D 52 11.77 -30.91 6.72
N GLU D 53 10.49 -31.05 7.11
CA GLU D 53 10.05 -30.91 8.50
C GLU D 53 10.68 -31.96 9.42
N GLN D 54 11.12 -33.07 8.82
CA GLN D 54 11.79 -34.12 9.56
C GLN D 54 13.14 -33.63 10.11
N GLU D 55 13.72 -32.54 9.59
CA GLU D 55 15.02 -32.14 10.13
C GLU D 55 14.82 -31.61 11.55
N GLY D 56 15.78 -31.95 12.43
CA GLY D 56 15.65 -31.65 13.84
C GLY D 56 16.16 -30.24 14.16
N PRO D 57 16.20 -29.87 15.47
CA PRO D 57 16.39 -28.48 15.87
C PRO D 57 17.75 -27.92 15.47
N GLU D 58 18.77 -28.79 15.31
CA GLU D 58 20.09 -28.28 14.99
C GLU D 58 20.24 -27.92 13.51
N TYR D 59 19.39 -28.46 12.64
CA TYR D 59 19.28 -28.01 11.26
C TYR D 59 18.81 -26.56 11.25
N TRP D 60 17.66 -26.33 11.89
CA TRP D 60 17.02 -25.03 11.92
C TRP D 60 17.93 -24.03 12.61
N GLU D 61 18.69 -24.51 13.60
CA GLU D 61 19.59 -23.66 14.33
C GLU D 61 20.77 -23.24 13.45
N ARG D 62 21.42 -24.19 12.80
CA ARG D 62 22.58 -23.77 12.03
C ARG D 62 22.15 -22.90 10.83
N GLU D 63 20.96 -23.17 10.27
CA GLU D 63 20.49 -22.46 9.10
C GLU D 63 20.10 -21.04 9.46
N THR D 64 19.43 -20.88 10.59
CA THR D 64 19.12 -19.55 11.11
C THR D 64 20.39 -18.75 11.36
N ARG D 65 21.39 -19.40 11.98
CA ARG D 65 22.66 -18.73 12.19
C ARG D 65 23.32 -18.23 10.88
N ARG D 66 23.31 -19.11 9.87
CA ARG D 66 23.90 -18.76 8.58
C ARG D 66 23.18 -17.55 7.96
N ALA D 67 21.84 -17.61 7.95
CA ALA D 67 21.03 -16.50 7.46
C ALA D 67 21.37 -15.19 8.16
N LYS D 68 21.51 -15.22 9.50
CA LYS D 68 21.83 -14.00 10.24
C LYS D 68 23.23 -13.46 9.90
N GLY D 69 24.20 -14.35 9.68
CA GLY D 69 25.51 -13.97 9.19
C GLY D 69 25.41 -13.33 7.80
N ASN D 70 24.64 -13.96 6.90
CA ASN D 70 24.47 -13.43 5.54
C ASN D 70 23.81 -12.06 5.59
N GLU D 71 22.83 -11.87 6.47
CA GLU D 71 22.13 -10.61 6.54
C GLU D 71 23.12 -9.51 6.88
N GLN D 72 24.04 -9.78 7.82
CA GLN D 72 25.06 -8.76 8.12
C GLN D 72 25.94 -8.46 6.88
N SER D 73 26.42 -9.49 6.16
CA SER D 73 27.28 -9.30 4.99
C SER D 73 26.50 -8.52 3.95
N PHE D 74 25.21 -8.85 3.77
CA PHE D 74 24.47 -8.10 2.75
C PHE D 74 24.23 -6.65 3.12
N ARG D 75 24.12 -6.37 4.41
CA ARG D 75 23.90 -5.00 4.85
C ARG D 75 25.18 -4.18 4.56
N VAL D 76 26.36 -4.77 4.85
CA VAL D 76 27.67 -4.22 4.55
C VAL D 76 27.79 -3.97 3.02
N ASP D 77 27.42 -5.01 2.26
CA ASP D 77 27.52 -5.05 0.81
C ASP D 77 26.75 -3.88 0.20
N LEU D 78 25.54 -3.66 0.69
CA LEU D 78 24.73 -2.55 0.17
C LEU D 78 25.38 -1.18 0.41
N ARG D 79 25.93 -0.99 1.62
CA ARG D 79 26.58 0.29 1.97
C ARG D 79 27.82 0.50 1.06
N THR D 80 28.59 -0.58 0.81
CA THR D 80 29.75 -0.51 -0.07
C THR D 80 29.33 -0.17 -1.51
N ALA D 81 28.30 -0.86 -2.03
CA ALA D 81 27.78 -0.60 -3.36
C ALA D 81 27.38 0.87 -3.51
N LEU D 82 26.73 1.45 -2.49
CA LEU D 82 26.35 2.87 -2.58
C LEU D 82 27.60 3.75 -2.84
N ARG D 83 28.68 3.50 -2.09
CA ARG D 83 29.94 4.22 -2.21
C ARG D 83 30.59 3.97 -3.60
N TYR D 84 30.69 2.71 -4.07
CA TYR D 84 31.27 2.42 -5.39
C TYR D 84 30.56 3.15 -6.51
N TYR D 85 29.22 3.20 -6.48
CA TYR D 85 28.44 3.87 -7.49
C TYR D 85 28.19 5.34 -7.21
N ASN D 86 28.69 5.89 -6.10
CA ASN D 86 28.47 7.30 -5.75
C ASN D 86 26.97 7.65 -5.80
N GLN D 87 26.14 6.80 -5.17
CA GLN D 87 24.70 6.99 -5.25
C GLN D 87 24.22 7.74 -4.02
N SER D 88 23.12 8.49 -4.12
CA SER D 88 22.76 9.28 -2.93
C SER D 88 22.22 8.39 -1.81
N ALA D 89 22.20 8.96 -0.61
CA ALA D 89 21.92 8.23 0.63
C ALA D 89 20.42 7.86 0.72
N GLY D 90 19.54 8.58 0.02
CA GLY D 90 18.11 8.42 0.21
C GLY D 90 17.46 7.29 -0.61
N GLY D 91 18.11 6.76 -1.67
CA GLY D 91 17.44 5.77 -2.55
C GLY D 91 17.48 4.29 -2.08
N SER D 92 16.41 3.51 -2.41
CA SER D 92 16.32 2.09 -2.10
C SER D 92 17.12 1.31 -3.13
N HIS D 93 17.92 0.30 -2.74
CA HIS D 93 18.72 -0.44 -3.73
C HIS D 93 18.54 -1.91 -3.42
N THR D 94 18.79 -2.80 -4.37
CA THR D 94 18.59 -4.21 -4.23
C THR D 94 19.93 -4.91 -4.49
N LEU D 95 20.22 -5.93 -3.68
CA LEU D 95 21.31 -6.83 -3.99
C LEU D 95 20.70 -8.21 -3.97
N GLN D 96 21.01 -8.98 -5.03
CA GLN D 96 20.50 -10.32 -5.19
C GLN D 96 21.66 -11.26 -5.40
N TRP D 97 21.43 -12.52 -4.97
CA TRP D 97 22.46 -13.54 -5.07
C TRP D 97 21.80 -14.89 -5.31
N MET D 98 22.38 -15.62 -6.23
CA MET D 98 21.93 -16.96 -6.48
C MET D 98 23.16 -17.85 -6.40
N ALA D 99 23.02 -19.00 -5.71
CA ALA D 99 24.13 -19.92 -5.55
C ALA D 99 23.57 -21.34 -5.51
N GLY D 100 24.30 -22.31 -6.05
CA GLY D 100 23.83 -23.69 -6.00
C GLY D 100 24.51 -24.60 -7.02
N CYS D 101 24.00 -25.84 -7.11
CA CYS D 101 24.67 -26.87 -7.90
C CYS D 101 23.67 -27.65 -8.77
N ASP D 102 24.13 -28.06 -9.95
CA ASP D 102 23.40 -28.98 -10.80
C ASP D 102 24.21 -30.26 -10.76
N VAL D 103 23.60 -31.40 -10.40
CA VAL D 103 24.37 -32.65 -10.35
C VAL D 103 23.74 -33.68 -11.28
N GLU D 104 24.60 -34.43 -12.01
CA GLU D 104 24.24 -35.51 -12.95
C GLU D 104 23.71 -36.75 -12.21
N SER D 105 22.87 -37.59 -12.85
CA SER D 105 22.11 -38.64 -12.18
C SER D 105 22.99 -39.51 -11.26
N ASP D 106 24.29 -39.67 -11.59
CA ASP D 106 25.26 -40.31 -10.70
C ASP D 106 25.82 -39.42 -9.59
N GLY D 107 25.32 -38.21 -9.34
CA GLY D 107 25.73 -37.46 -8.16
C GLY D 107 27.08 -36.72 -8.28
N ARG D 108 27.62 -36.61 -9.51
CA ARG D 108 28.75 -35.77 -9.92
C ARG D 108 28.29 -34.35 -10.31
N LEU D 109 29.14 -33.34 -10.04
CA LEU D 109 28.76 -31.94 -10.24
C LEU D 109 28.68 -31.55 -11.73
N LEU D 110 27.49 -31.19 -12.24
CA LEU D 110 27.38 -30.73 -13.63
C LEU D 110 27.83 -29.28 -13.72
N ARG D 111 27.30 -28.39 -12.86
CA ARG D 111 27.70 -27.00 -12.87
C ARG D 111 27.45 -26.38 -11.50
N GLY D 112 28.35 -25.49 -11.06
CA GLY D 112 28.06 -24.68 -9.88
C GLY D 112 27.83 -23.20 -10.20
N TYR D 113 26.96 -22.54 -9.42
CA TYR D 113 26.52 -21.16 -9.60
C TYR D 113 26.86 -20.35 -8.35
N TRP D 114 27.41 -19.13 -8.52
CA TRP D 114 27.59 -18.21 -7.40
C TRP D 114 27.69 -16.80 -7.99
N GLN D 115 26.56 -16.08 -7.95
CA GLN D 115 26.48 -14.87 -8.75
C GLN D 115 25.55 -13.83 -8.12
N PHE D 116 25.88 -12.57 -8.40
CA PHE D 116 25.19 -11.45 -7.77
C PHE D 116 24.74 -10.43 -8.81
N ALA D 117 23.68 -9.68 -8.48
CA ALA D 117 23.20 -8.58 -9.27
C ALA D 117 22.91 -7.43 -8.31
N TYR D 118 23.21 -6.24 -8.78
CA TYR D 118 22.89 -5.00 -8.05
C TYR D 118 21.92 -4.18 -8.91
N ASP D 119 20.80 -3.83 -8.27
CA ASP D 119 19.73 -3.07 -8.88
C ASP D 119 19.24 -3.76 -10.15
N GLY D 120 19.13 -5.10 -10.16
CA GLY D 120 18.59 -5.85 -11.29
C GLY D 120 19.60 -6.13 -12.40
N CYS D 121 20.89 -5.77 -12.25
CA CYS D 121 21.89 -5.95 -13.29
C CYS D 121 23.02 -6.81 -12.77
N ASP D 122 23.50 -7.73 -13.62
CA ASP D 122 24.67 -8.53 -13.29
C ASP D 122 25.76 -7.68 -12.67
N TYR D 123 26.33 -8.18 -11.56
CA TYR D 123 27.44 -7.54 -10.89
C TYR D 123 28.70 -8.41 -11.02
N ILE D 124 28.70 -9.61 -10.39
CA ILE D 124 29.86 -10.47 -10.46
C ILE D 124 29.33 -11.90 -10.48
N ALA D 125 30.05 -12.77 -11.19
CA ALA D 125 29.62 -14.18 -11.30
C ALA D 125 30.82 -15.15 -11.31
N LEU D 126 30.66 -16.28 -10.61
CA LEU D 126 31.72 -17.28 -10.58
C LEU D 126 31.62 -18.02 -11.92
N ASN D 127 32.72 -18.05 -12.65
CA ASN D 127 32.77 -18.74 -13.93
C ASN D 127 32.67 -20.25 -13.73
N GLU D 128 32.34 -20.93 -14.83
CA GLU D 128 32.13 -22.36 -14.84
C GLU D 128 33.30 -23.16 -14.29
N ASP D 129 34.54 -22.67 -14.41
CA ASP D 129 35.76 -23.28 -13.91
C ASP D 129 35.77 -23.35 -12.37
N LEU D 130 34.91 -22.53 -11.71
CA LEU D 130 34.85 -22.40 -10.25
C LEU D 130 36.16 -21.84 -9.72
N LYS D 131 36.88 -21.06 -10.55
CA LYS D 131 38.13 -20.47 -10.09
C LYS D 131 38.24 -18.99 -10.46
N THR D 132 37.54 -18.50 -11.47
CA THR D 132 37.71 -17.11 -11.89
C THR D 132 36.33 -16.42 -11.88
N TRP D 133 36.35 -15.08 -11.80
CA TRP D 133 35.19 -14.22 -11.70
C TRP D 133 34.99 -13.43 -13.01
N THR D 134 33.75 -13.37 -13.52
CA THR D 134 33.37 -12.34 -14.49
C THR D 134 32.82 -11.12 -13.75
N ALA D 135 33.40 -9.94 -14.02
CA ALA D 135 33.00 -8.68 -13.42
C ALA D 135 32.27 -7.82 -14.45
N ALA D 136 31.03 -7.41 -14.14
CA ALA D 136 30.20 -6.72 -15.12
C ALA D 136 30.64 -5.29 -15.43
N ASP D 137 31.46 -4.62 -14.57
CA ASP D 137 31.75 -3.18 -14.59
C ASP D 137 32.95 -2.91 -13.68
N MET D 138 33.29 -1.63 -13.54
CA MET D 138 34.45 -1.15 -12.81
C MET D 138 34.34 -1.42 -11.29
N ALA D 139 33.15 -1.16 -10.72
CA ALA D 139 32.87 -1.47 -9.32
C ALA D 139 33.12 -2.96 -9.05
N ALA D 140 32.61 -3.82 -9.94
CA ALA D 140 32.73 -5.25 -9.77
C ALA D 140 34.19 -5.72 -9.92
N GLN D 141 35.01 -4.94 -10.66
CA GLN D 141 36.42 -5.30 -10.78
C GLN D 141 37.14 -4.99 -9.47
N ILE D 142 36.69 -3.98 -8.70
CA ILE D 142 37.22 -3.73 -7.36
C ILE D 142 36.97 -4.97 -6.50
N THR D 143 35.71 -5.41 -6.49
CA THR D 143 35.33 -6.57 -5.70
C THR D 143 36.09 -7.79 -6.19
N ARG D 144 36.22 -7.93 -7.51
CA ARG D 144 36.96 -9.08 -8.02
C ARG D 144 38.39 -9.19 -7.47
N ARG D 145 39.11 -8.06 -7.50
CA ARG D 145 40.48 -8.02 -7.02
C ARG D 145 40.53 -8.39 -5.54
N LYS D 146 39.56 -7.91 -4.74
CA LYS D 146 39.59 -8.22 -3.30
C LYS D 146 39.31 -9.70 -3.10
N TRP D 147 38.46 -10.29 -3.93
CA TRP D 147 38.12 -11.71 -3.77
C TRP D 147 39.24 -12.62 -4.23
N GLU D 148 39.97 -12.19 -5.29
CA GLU D 148 41.16 -12.91 -5.74
C GLU D 148 42.21 -12.98 -4.63
N GLN D 149 42.53 -11.86 -3.97
CA GLN D 149 43.43 -11.80 -2.83
C GLN D 149 42.92 -12.57 -1.61
N ALA D 150 41.60 -12.51 -1.30
CA ALA D 150 41.06 -13.16 -0.11
C ALA D 150 40.94 -14.67 -0.30
N GLY D 151 41.00 -15.16 -1.54
CA GLY D 151 40.74 -16.58 -1.81
C GLY D 151 39.25 -16.96 -1.82
N ALA D 152 38.37 -16.02 -2.17
CA ALA D 152 36.92 -16.31 -2.14
C ALA D 152 36.52 -17.48 -3.06
N ALA D 153 37.06 -17.58 -4.29
CA ALA D 153 36.61 -18.63 -5.20
C ALA D 153 36.87 -20.03 -4.62
N GLU D 154 37.98 -20.24 -3.90
CA GLU D 154 38.29 -21.55 -3.31
C GLU D 154 37.27 -21.92 -2.24
N ARG D 155 36.86 -20.94 -1.43
CA ARG D 155 35.84 -21.10 -0.40
C ARG D 155 34.51 -21.46 -1.07
N ASP D 156 34.17 -20.69 -2.11
CA ASP D 156 32.85 -20.85 -2.73
C ASP D 156 32.73 -22.21 -3.43
N ARG D 157 33.82 -22.62 -4.08
CA ARG D 157 33.92 -23.88 -4.79
C ARG D 157 33.84 -25.07 -3.84
N ALA D 158 34.46 -24.98 -2.63
CA ALA D 158 34.33 -26.02 -1.60
C ALA D 158 32.86 -26.24 -1.20
N TYR D 159 32.08 -25.15 -1.08
CA TYR D 159 30.65 -25.29 -0.82
C TYR D 159 29.96 -25.98 -2.00
N LEU D 160 30.25 -25.52 -3.22
CA LEU D 160 29.47 -25.97 -4.35
C LEU D 160 29.74 -27.45 -4.68
N GLU D 161 31.02 -27.89 -4.61
CA GLU D 161 31.42 -29.25 -4.91
C GLU D 161 31.21 -30.17 -3.70
N GLY D 162 31.11 -29.61 -2.50
CA GLY D 162 31.10 -30.40 -1.28
C GLY D 162 29.69 -30.47 -0.73
N GLU D 163 29.43 -29.61 0.26
CA GLU D 163 28.14 -29.55 0.93
C GLU D 163 26.92 -29.47 -0.02
N CYS D 164 27.04 -28.68 -1.10
CA CYS D 164 25.87 -28.50 -1.98
C CYS D 164 25.41 -29.84 -2.55
N VAL D 165 26.36 -30.60 -3.11
CA VAL D 165 26.14 -31.91 -3.70
C VAL D 165 25.67 -32.86 -2.62
N GLU D 166 26.35 -32.88 -1.46
CA GLU D 166 26.02 -33.83 -0.39
C GLU D 166 24.58 -33.61 0.07
N TRP D 167 24.17 -32.35 0.28
CA TRP D 167 22.87 -32.10 0.88
C TRP D 167 21.75 -32.33 -0.12
N LEU D 168 22.06 -32.04 -1.41
CA LEU D 168 21.10 -32.32 -2.47
C LEU D 168 20.87 -33.82 -2.48
N ARG D 169 21.94 -34.62 -2.38
CA ARG D 169 21.75 -36.08 -2.38
C ARG D 169 20.78 -36.50 -1.26
N ARG D 170 20.99 -35.90 -0.09
CA ARG D 170 20.18 -36.21 1.09
C ARG D 170 18.73 -35.77 0.88
N TYR D 171 18.55 -34.57 0.34
CA TYR D 171 17.20 -34.03 0.18
C TYR D 171 16.36 -34.85 -0.80
N LEU D 172 17.02 -35.37 -1.84
CA LEU D 172 16.32 -36.09 -2.91
C LEU D 172 15.83 -37.43 -2.38
N LYS D 173 16.73 -38.11 -1.63
CA LYS D 173 16.43 -39.29 -0.87
C LYS D 173 15.22 -39.08 0.05
N ASN D 174 15.14 -37.97 0.81
CA ASN D 174 14.20 -37.86 1.92
C ASN D 174 12.88 -37.29 1.43
N GLY D 175 12.98 -36.50 0.36
CA GLY D 175 11.81 -35.87 -0.21
C GLY D 175 11.26 -36.64 -1.42
N ASN D 176 11.63 -37.92 -1.52
CA ASN D 176 11.49 -38.69 -2.74
C ASN D 176 10.09 -38.60 -3.35
N ALA D 177 9.10 -38.86 -2.46
CA ALA D 177 7.68 -38.90 -2.75
C ALA D 177 7.26 -37.66 -3.54
N THR D 178 7.75 -36.48 -3.13
CA THR D 178 7.28 -35.23 -3.71
C THR D 178 8.16 -34.85 -4.90
N LEU D 179 9.47 -34.87 -4.67
CA LEU D 179 10.37 -34.21 -5.59
C LEU D 179 10.39 -34.96 -6.91
N LEU D 180 10.41 -36.30 -6.86
CA LEU D 180 10.63 -37.12 -8.04
C LEU D 180 9.32 -37.54 -8.71
N ARG D 181 8.15 -37.14 -8.17
CA ARG D 181 6.87 -37.47 -8.79
C ARG D 181 6.75 -36.72 -10.12
N THR D 182 5.84 -37.27 -10.95
CA THR D 182 5.21 -36.52 -12.03
C THR D 182 3.69 -36.62 -11.87
N ASP D 183 2.99 -35.52 -12.16
CA ASP D 183 1.56 -35.52 -12.37
C ASP D 183 1.41 -35.15 -13.84
N PRO D 184 0.83 -36.03 -14.68
CA PRO D 184 0.74 -35.72 -16.11
C PRO D 184 -0.35 -34.65 -16.30
N PRO D 185 -0.27 -33.84 -17.38
CA PRO D 185 -1.33 -32.89 -17.75
C PRO D 185 -2.69 -33.52 -18.03
N LYS D 186 -3.77 -33.02 -17.42
CA LYS D 186 -5.12 -33.26 -17.94
C LYS D 186 -5.43 -32.20 -19.01
N ALA D 187 -5.67 -32.64 -20.24
CA ALA D 187 -5.78 -31.69 -21.34
C ALA D 187 -7.21 -31.67 -21.88
N HIS D 188 -7.60 -30.51 -22.44
CA HIS D 188 -8.87 -30.36 -23.14
C HIS D 188 -8.74 -29.19 -24.10
N VAL D 189 -9.73 -29.12 -25.01
CA VAL D 189 -9.83 -28.01 -25.94
C VAL D 189 -11.15 -27.28 -25.71
N THR D 190 -11.10 -25.94 -25.71
CA THR D 190 -12.29 -25.12 -25.64
C THR D 190 -12.44 -24.46 -26.99
N HIS D 191 -13.71 -24.21 -27.34
CA HIS D 191 -14.15 -23.66 -28.61
C HIS D 191 -14.97 -22.41 -28.29
N HIS D 192 -14.57 -21.22 -28.80
CA HIS D 192 -15.27 -19.97 -28.52
C HIS D 192 -15.65 -19.36 -29.86
N ARG D 193 -16.96 -19.27 -30.12
CA ARG D 193 -17.44 -18.54 -31.30
C ARG D 193 -17.04 -17.08 -31.10
N ARG D 194 -16.42 -16.45 -32.08
CA ARG D 194 -16.07 -15.06 -31.81
C ARG D 194 -17.19 -14.17 -32.30
N PRO D 195 -17.51 -12.98 -31.71
CA PRO D 195 -18.41 -12.02 -32.40
C PRO D 195 -18.10 -11.79 -33.90
N GLU D 196 -16.81 -11.85 -34.29
CA GLU D 196 -16.33 -11.59 -35.64
C GLU D 196 -16.66 -12.72 -36.60
N GLY D 197 -17.18 -13.85 -36.08
CA GLY D 197 -17.71 -14.92 -36.91
C GLY D 197 -16.71 -16.07 -37.13
N ASP D 198 -15.50 -15.97 -36.56
CA ASP D 198 -14.54 -17.08 -36.60
C ASP D 198 -14.39 -17.71 -35.21
N VAL D 199 -13.39 -18.58 -34.99
CA VAL D 199 -13.41 -19.42 -33.79
C VAL D 199 -12.07 -19.31 -33.10
N THR D 200 -12.11 -19.15 -31.76
CA THR D 200 -10.93 -19.43 -30.98
C THR D 200 -10.93 -20.87 -30.51
N LEU D 201 -9.85 -21.58 -30.87
CA LEU D 201 -9.59 -22.88 -30.25
C LEU D 201 -8.50 -22.73 -29.21
N ARG D 202 -8.75 -23.26 -28.01
CA ARG D 202 -7.78 -23.08 -26.92
C ARG D 202 -7.52 -24.46 -26.32
N CYS D 203 -6.24 -24.86 -26.42
CA CYS D 203 -5.73 -26.09 -25.84
C CYS D 203 -5.12 -25.84 -24.45
N TRP D 204 -5.73 -26.48 -23.45
CA TRP D 204 -5.39 -26.34 -22.03
C TRP D 204 -4.65 -27.59 -21.56
N ALA D 205 -3.63 -27.38 -20.73
CA ALA D 205 -2.98 -28.41 -19.95
C ALA D 205 -3.05 -27.93 -18.51
N LEU D 206 -3.54 -28.81 -17.61
CA LEU D 206 -3.83 -28.52 -16.21
C LEU D 206 -3.27 -29.61 -15.29
N GLY D 207 -2.99 -29.25 -14.03
CA GLY D 207 -2.68 -30.23 -13.00
C GLY D 207 -1.32 -30.91 -13.21
N PHE D 208 -0.38 -30.32 -13.97
CA PHE D 208 0.85 -31.04 -14.23
C PHE D 208 2.04 -30.57 -13.36
N TYR D 209 2.96 -31.52 -13.19
CA TYR D 209 4.17 -31.34 -12.39
C TYR D 209 5.17 -32.35 -12.94
N PRO D 210 6.44 -31.96 -13.20
CA PRO D 210 6.96 -30.59 -13.00
C PRO D 210 6.55 -29.61 -14.09
N ALA D 211 7.06 -28.37 -14.05
CA ALA D 211 6.66 -27.22 -14.86
C ALA D 211 6.93 -27.35 -16.35
N ASP D 212 8.01 -28.04 -16.77
CA ASP D 212 8.36 -28.06 -18.19
C ASP D 212 7.28 -28.76 -19.01
N ILE D 213 6.90 -28.16 -20.16
CA ILE D 213 5.87 -28.77 -21.00
C ILE D 213 6.03 -28.15 -22.37
N THR D 214 5.57 -28.85 -23.40
CA THR D 214 5.47 -28.30 -24.74
C THR D 214 4.03 -28.45 -25.20
N LEU D 215 3.51 -27.34 -25.70
CA LEU D 215 2.18 -27.23 -26.26
C LEU D 215 2.34 -26.70 -27.66
N THR D 216 1.69 -27.36 -28.62
CA THR D 216 1.79 -26.88 -29.98
C THR D 216 0.47 -27.10 -30.72
N TRP D 217 0.17 -26.24 -31.69
CA TRP D 217 -0.94 -26.48 -32.61
C TRP D 217 -0.36 -26.78 -33.99
N GLN D 218 -0.99 -27.72 -34.70
CA GLN D 218 -0.65 -28.02 -36.09
C GLN D 218 -1.91 -27.82 -36.94
N LEU D 219 -1.78 -27.04 -38.05
CA LEU D 219 -2.67 -27.03 -39.21
C LEU D 219 -2.03 -27.95 -40.26
N ASN D 220 -1.95 -29.26 -39.98
CA ASN D 220 -1.11 -30.04 -40.87
C ASN D 220 -1.78 -30.29 -42.20
N GLY D 221 -2.88 -29.56 -42.52
CA GLY D 221 -3.29 -29.21 -43.89
C GLY D 221 -4.06 -30.30 -44.61
N MET D 228 -0.28 -18.44 -33.15
CA MET D 228 -0.47 -19.11 -31.83
C MET D 228 -0.14 -18.12 -30.71
N GLU D 229 -1.11 -17.91 -29.81
CA GLU D 229 -0.92 -17.24 -28.53
C GLU D 229 -0.63 -18.29 -27.46
N LEU D 230 0.46 -18.10 -26.72
CA LEU D 230 0.92 -19.10 -25.78
C LEU D 230 1.16 -18.42 -24.46
N VAL D 231 0.44 -18.79 -23.39
CA VAL D 231 0.72 -18.06 -22.16
C VAL D 231 1.91 -18.69 -21.47
N GLU D 232 2.55 -17.88 -20.63
CA GLU D 232 3.60 -18.33 -19.72
C GLU D 232 3.02 -19.35 -18.77
N THR D 233 3.77 -20.44 -18.56
CA THR D 233 3.34 -21.48 -17.61
C THR D 233 3.09 -20.84 -16.26
N ARG D 234 2.06 -21.25 -15.55
CA ARG D 234 1.69 -20.49 -14.36
C ARG D 234 1.37 -21.47 -13.24
N PRO D 235 1.57 -21.12 -11.95
CA PRO D 235 1.17 -22.01 -10.86
C PRO D 235 -0.32 -22.00 -10.62
N ALA D 236 -0.92 -23.20 -10.41
CA ALA D 236 -2.32 -23.34 -10.00
C ALA D 236 -2.48 -22.92 -8.55
N GLY D 237 -1.34 -23.00 -7.83
CA GLY D 237 -1.28 -22.59 -6.45
C GLY D 237 -1.34 -23.78 -5.51
N ASP D 238 -1.56 -25.00 -6.04
CA ASP D 238 -1.65 -26.19 -5.23
C ASP D 238 -0.45 -27.08 -5.48
N GLY D 239 0.59 -26.57 -6.16
CA GLY D 239 1.79 -27.35 -6.43
C GLY D 239 1.85 -27.82 -7.88
N THR D 240 0.77 -27.67 -8.65
CA THR D 240 0.78 -28.05 -10.06
C THR D 240 0.79 -26.80 -10.94
N PHE D 241 0.89 -26.98 -12.26
CA PHE D 241 1.07 -25.91 -13.23
C PHE D 241 -0.04 -25.95 -14.27
N GLN D 242 -0.21 -24.86 -15.03
CA GLN D 242 -1.20 -24.67 -16.07
C GLN D 242 -0.50 -23.98 -17.23
N LYS D 243 -0.97 -24.30 -18.43
CA LYS D 243 -0.55 -23.56 -19.62
C LYS D 243 -1.63 -23.64 -20.69
N TRP D 244 -1.67 -22.71 -21.65
CA TRP D 244 -2.61 -22.92 -22.74
C TRP D 244 -2.05 -22.30 -23.99
N ALA D 245 -2.53 -22.79 -25.11
CA ALA D 245 -2.16 -22.25 -26.42
C ALA D 245 -3.43 -22.08 -27.21
N SER D 246 -3.52 -21.00 -27.98
CA SER D 246 -4.73 -20.81 -28.75
C SER D 246 -4.43 -20.38 -30.16
N VAL D 247 -5.36 -20.68 -31.07
CA VAL D 247 -5.41 -20.22 -32.46
C VAL D 247 -6.81 -19.70 -32.80
N VAL D 248 -6.80 -18.83 -33.81
CA VAL D 248 -8.01 -18.30 -34.42
C VAL D 248 -8.18 -18.99 -35.77
N VAL D 249 -9.35 -19.61 -36.00
CA VAL D 249 -9.47 -20.51 -37.15
C VAL D 249 -10.83 -20.26 -37.83
N PRO D 250 -11.01 -20.54 -39.15
CA PRO D 250 -12.32 -20.33 -39.78
C PRO D 250 -13.39 -21.23 -39.17
N LEU D 251 -14.60 -20.67 -39.04
CA LEU D 251 -15.77 -21.50 -38.78
C LEU D 251 -15.93 -22.61 -39.83
N GLY D 252 -16.12 -23.84 -39.31
CA GLY D 252 -16.13 -25.10 -40.07
C GLY D 252 -14.76 -25.61 -40.55
N LYS D 253 -13.66 -25.10 -40.00
CA LYS D 253 -12.33 -25.64 -40.33
C LYS D 253 -11.60 -26.07 -39.06
N GLU D 254 -12.32 -26.13 -37.91
CA GLU D 254 -11.77 -26.61 -36.65
C GLU D 254 -11.09 -27.98 -36.79
N GLN D 255 -11.64 -28.87 -37.65
CA GLN D 255 -11.17 -30.25 -37.76
C GLN D 255 -9.76 -30.36 -38.37
N LYS D 256 -9.30 -29.30 -39.06
CA LYS D 256 -8.00 -29.16 -39.68
C LYS D 256 -6.90 -28.95 -38.64
N TYR D 257 -7.26 -28.60 -37.38
CA TYR D 257 -6.28 -28.28 -36.35
C TYR D 257 -6.12 -29.35 -35.27
N THR D 258 -4.87 -29.55 -34.85
CA THR D 258 -4.54 -30.55 -33.85
C THR D 258 -3.60 -29.91 -32.84
N CYS D 259 -3.85 -30.18 -31.55
CA CYS D 259 -3.02 -29.70 -30.45
C CYS D 259 -2.21 -30.89 -29.97
N HIS D 260 -0.89 -30.67 -29.75
CA HIS D 260 0.04 -31.64 -29.17
C HIS D 260 0.57 -31.20 -27.80
N VAL D 261 0.46 -32.10 -26.79
CA VAL D 261 0.97 -31.83 -25.45
C VAL D 261 2.03 -32.89 -25.12
N GLU D 262 3.25 -32.43 -24.85
CA GLU D 262 4.35 -33.29 -24.45
C GLU D 262 4.76 -32.94 -23.02
N HIS D 263 4.81 -33.96 -22.16
CA HIS D 263 5.35 -33.78 -20.82
C HIS D 263 5.99 -35.06 -20.32
N GLU D 264 6.95 -34.93 -19.38
CA GLU D 264 7.68 -36.06 -18.79
C GLU D 264 6.73 -37.10 -18.17
N GLY D 265 5.57 -36.68 -17.66
CA GLY D 265 4.63 -37.57 -16.99
C GLY D 265 3.72 -38.36 -17.93
N LEU D 266 3.89 -38.17 -19.24
CA LEU D 266 3.04 -38.83 -20.22
C LEU D 266 3.80 -39.98 -20.84
N PRO D 267 3.20 -41.20 -20.89
CA PRO D 267 3.81 -42.30 -21.66
C PRO D 267 3.94 -41.92 -23.14
N GLU D 268 2.90 -41.24 -23.65
CA GLU D 268 2.78 -40.89 -25.07
C GLU D 268 2.46 -39.39 -25.17
N PRO D 269 3.01 -38.58 -26.12
CA PRO D 269 2.50 -37.20 -26.35
C PRO D 269 0.99 -37.21 -26.67
N LEU D 270 0.15 -36.29 -26.10
CA LEU D 270 -1.29 -36.29 -26.37
C LEU D 270 -1.57 -35.48 -27.63
N THR D 271 -2.63 -35.88 -28.32
CA THR D 271 -3.14 -35.33 -29.55
C THR D 271 -4.59 -34.98 -29.25
N LEU D 272 -5.00 -33.71 -29.38
CA LEU D 272 -6.40 -33.34 -29.15
C LEU D 272 -6.91 -32.56 -30.36
N ARG D 273 -8.23 -32.68 -30.63
CA ARG D 273 -8.87 -31.94 -31.72
C ARG D 273 -10.25 -31.48 -31.30
N TRP D 274 -10.82 -30.50 -32.01
CA TRP D 274 -12.23 -30.26 -31.74
C TRP D 274 -13.07 -30.87 -32.85
N GLN E 2 14.39 -0.60 -14.63
CA GLN E 2 12.91 -0.73 -14.49
C GLN E 2 12.32 -1.73 -15.46
N LYS E 3 11.66 -2.76 -14.91
CA LYS E 3 11.01 -3.79 -15.71
C LYS E 3 9.56 -3.82 -15.28
N THR E 4 8.68 -3.85 -16.29
CA THR E 4 7.23 -3.71 -16.11
C THR E 4 6.63 -5.06 -15.73
N PRO E 5 5.77 -5.12 -14.69
CA PRO E 5 5.16 -6.40 -14.31
C PRO E 5 4.28 -6.98 -15.42
N GLN E 6 4.40 -8.29 -15.64
CA GLN E 6 3.44 -9.04 -16.49
C GLN E 6 2.42 -9.66 -15.53
N ILE E 7 1.13 -9.66 -15.91
CA ILE E 7 0.09 -10.08 -14.97
C ILE E 7 -0.75 -11.18 -15.63
N GLN E 8 -1.08 -12.26 -14.91
CA GLN E 8 -2.12 -13.17 -15.36
C GLN E 8 -3.12 -13.36 -14.23
N VAL E 9 -4.39 -13.34 -14.61
CA VAL E 9 -5.49 -13.52 -13.67
C VAL E 9 -6.26 -14.75 -14.15
N TYR E 10 -6.44 -15.76 -13.29
CA TYR E 10 -7.01 -17.03 -13.70
C TYR E 10 -7.38 -17.85 -12.47
N SER E 11 -8.32 -18.79 -12.71
CA SER E 11 -8.80 -19.65 -11.62
C SER E 11 -7.89 -20.87 -11.48
N ARG E 12 -7.90 -21.43 -10.27
CA ARG E 12 -7.15 -22.64 -10.00
C ARG E 12 -7.83 -23.81 -10.73
N HIS E 13 -9.15 -23.90 -10.61
CA HIS E 13 -9.87 -24.98 -11.28
C HIS E 13 -10.69 -24.41 -12.42
N PRO E 14 -11.07 -25.23 -13.42
CA PRO E 14 -12.04 -24.80 -14.45
C PRO E 14 -13.29 -24.23 -13.80
N PRO E 15 -13.73 -23.02 -14.18
CA PRO E 15 -14.69 -22.35 -13.34
C PRO E 15 -16.10 -22.89 -13.58
N GLU E 16 -16.91 -22.98 -12.53
CA GLU E 16 -18.31 -23.34 -12.71
C GLU E 16 -19.14 -22.42 -11.81
N ASN E 17 -20.11 -21.67 -12.37
CA ASN E 17 -20.99 -20.82 -11.56
C ASN E 17 -21.53 -21.58 -10.35
N GLY E 18 -21.43 -20.96 -9.16
CA GLY E 18 -21.96 -21.55 -7.95
C GLY E 18 -21.02 -22.52 -7.21
N LYS E 19 -19.87 -22.92 -7.79
CA LYS E 19 -18.90 -23.82 -7.13
C LYS E 19 -17.68 -23.10 -6.54
N PRO E 20 -17.29 -23.31 -5.25
CA PRO E 20 -16.06 -22.72 -4.68
C PRO E 20 -14.74 -23.01 -5.43
N ASN E 21 -13.88 -21.99 -5.56
CA ASN E 21 -12.70 -22.01 -6.40
C ASN E 21 -11.67 -21.02 -5.81
N ILE E 22 -10.50 -20.94 -6.44
CA ILE E 22 -9.47 -19.99 -6.06
C ILE E 22 -9.19 -19.10 -7.28
N LEU E 23 -9.19 -17.77 -7.08
CA LEU E 23 -8.71 -16.88 -8.12
C LEU E 23 -7.29 -16.47 -7.82
N ASN E 24 -6.47 -16.55 -8.87
CA ASN E 24 -5.05 -16.25 -8.80
C ASN E 24 -4.71 -14.98 -9.55
N CYS E 25 -3.72 -14.24 -8.99
CA CYS E 25 -3.13 -13.13 -9.72
C CYS E 25 -1.61 -13.31 -9.66
N TYR E 26 -1.04 -13.77 -10.78
CA TYR E 26 0.38 -14.10 -10.88
C TYR E 26 1.06 -12.92 -11.57
N VAL E 27 2.05 -12.35 -10.89
CA VAL E 27 2.74 -11.13 -11.30
C VAL E 27 4.23 -11.45 -11.38
N THR E 28 4.82 -11.15 -12.55
CA THR E 28 6.15 -11.61 -12.88
C THR E 28 6.91 -10.54 -13.64
N GLN E 29 8.23 -10.78 -13.74
CA GLN E 29 9.14 -10.10 -14.61
C GLN E 29 9.28 -8.60 -14.26
N PHE E 30 9.22 -8.26 -12.96
CA PHE E 30 9.32 -6.86 -12.56
C PHE E 30 10.58 -6.58 -11.74
N HIS E 31 10.97 -5.31 -11.81
CA HIS E 31 12.12 -4.78 -11.10
C HIS E 31 11.96 -3.27 -11.02
N PRO E 32 12.13 -2.57 -9.88
CA PRO E 32 12.48 -3.16 -8.59
C PRO E 32 11.35 -4.01 -7.95
N PRO E 33 11.60 -4.63 -6.78
CA PRO E 33 10.60 -5.49 -6.16
C PRO E 33 9.43 -4.75 -5.53
N HIS E 34 9.57 -3.44 -5.25
CA HIS E 34 8.48 -2.69 -4.61
C HIS E 34 7.25 -2.72 -5.53
N ILE E 35 6.13 -3.26 -5.04
CA ILE E 35 4.94 -3.41 -5.85
C ILE E 35 3.75 -3.46 -4.88
N GLU E 36 2.61 -2.98 -5.37
CA GLU E 36 1.35 -3.17 -4.68
C GLU E 36 0.41 -3.97 -5.60
N ILE E 37 -0.25 -5.01 -5.05
CA ILE E 37 -1.11 -5.91 -5.82
C ILE E 37 -2.40 -6.02 -5.04
N GLN E 38 -3.55 -5.79 -5.72
CA GLN E 38 -4.82 -5.73 -5.03
C GLN E 38 -5.79 -6.58 -5.85
N MET E 39 -6.62 -7.40 -5.21
CA MET E 39 -7.62 -8.11 -6.00
C MET E 39 -8.98 -7.49 -5.69
N LEU E 40 -9.79 -7.36 -6.78
CA LEU E 40 -11.04 -6.63 -6.79
C LEU E 40 -12.16 -7.59 -7.14
N LYS E 41 -13.31 -7.39 -6.48
CA LYS E 41 -14.58 -7.96 -6.88
C LYS E 41 -15.57 -6.80 -7.06
N ASN E 42 -16.08 -6.66 -8.30
CA ASN E 42 -16.94 -5.58 -8.74
C ASN E 42 -16.30 -4.24 -8.39
N GLY E 43 -14.98 -4.09 -8.61
CA GLY E 43 -14.36 -2.81 -8.33
C GLY E 43 -14.04 -2.55 -6.85
N LYS E 44 -14.41 -3.43 -5.90
CA LYS E 44 -14.03 -3.30 -4.49
C LYS E 44 -12.80 -4.15 -4.15
N LYS E 45 -11.96 -3.68 -3.21
CA LYS E 45 -10.88 -4.51 -2.68
C LYS E 45 -11.45 -5.71 -1.92
N ILE E 46 -10.88 -6.88 -2.23
CA ILE E 46 -11.14 -8.08 -1.44
C ILE E 46 -10.16 -8.05 -0.24
N PRO E 47 -10.62 -8.18 1.04
CA PRO E 47 -9.69 -8.20 2.21
C PRO E 47 -8.86 -9.49 2.38
N LYS E 48 -9.54 -10.63 2.20
CA LYS E 48 -8.91 -11.90 2.49
C LYS E 48 -8.25 -12.39 1.22
N VAL E 49 -7.08 -11.86 0.92
CA VAL E 49 -6.21 -12.22 -0.18
C VAL E 49 -4.97 -12.76 0.48
N GLU E 50 -4.50 -13.89 0.00
CA GLU E 50 -3.19 -14.38 0.39
C GLU E 50 -2.16 -13.94 -0.63
N MET E 51 -0.96 -13.63 -0.14
CA MET E 51 0.07 -13.03 -0.95
C MET E 51 1.19 -13.99 -0.65
N SER E 52 1.74 -14.62 -1.66
CA SER E 52 2.86 -15.51 -1.40
C SER E 52 4.02 -14.63 -0.92
N ASP E 53 5.16 -15.26 -0.62
CA ASP E 53 6.39 -14.52 -0.37
C ASP E 53 7.00 -14.21 -1.72
N MET E 54 7.97 -13.30 -1.75
CA MET E 54 8.59 -12.79 -2.96
C MET E 54 9.72 -13.74 -3.35
N SER E 55 9.90 -13.96 -4.67
CA SER E 55 10.95 -14.78 -5.23
C SER E 55 11.48 -14.04 -6.43
N PHE E 56 12.57 -14.57 -6.99
CA PHE E 56 12.97 -14.13 -8.30
C PHE E 56 13.46 -15.31 -9.14
N SER E 57 13.63 -15.03 -10.42
CA SER E 57 13.89 -15.98 -11.48
C SER E 57 15.36 -15.86 -11.80
N LYS E 58 15.82 -16.81 -12.60
CA LYS E 58 17.21 -16.86 -13.04
C LYS E 58 17.65 -15.55 -13.75
N ASP E 59 16.73 -14.79 -14.38
CA ASP E 59 17.10 -13.52 -15.01
C ASP E 59 17.03 -12.33 -14.03
N TRP E 60 16.82 -12.59 -12.72
CA TRP E 60 16.85 -11.61 -11.65
C TRP E 60 15.52 -10.91 -11.39
N SER E 61 14.52 -11.11 -12.25
CA SER E 61 13.25 -10.43 -12.15
C SER E 61 12.36 -11.10 -11.11
N PHE E 62 11.62 -10.27 -10.36
CA PHE E 62 10.78 -10.70 -9.25
C PHE E 62 9.44 -11.29 -9.73
N TYR E 63 8.84 -12.15 -8.89
CA TYR E 63 7.52 -12.67 -9.10
C TYR E 63 6.86 -12.96 -7.76
N ILE E 64 5.54 -12.81 -7.76
CA ILE E 64 4.70 -13.09 -6.62
C ILE E 64 3.32 -13.56 -7.10
N LEU E 65 2.65 -14.35 -6.25
CA LEU E 65 1.32 -14.87 -6.53
C LEU E 65 0.34 -14.43 -5.46
N ALA E 66 -0.69 -13.67 -5.84
CA ALA E 66 -1.76 -13.40 -4.89
C ALA E 66 -2.87 -14.37 -5.19
N HIS E 67 -3.62 -14.76 -4.14
CA HIS E 67 -4.81 -15.55 -4.43
C HIS E 67 -5.93 -15.29 -3.44
N THR E 68 -7.12 -15.74 -3.83
CA THR E 68 -8.28 -15.55 -2.99
C THR E 68 -9.30 -16.64 -3.22
N GLU E 69 -10.10 -16.95 -2.19
CA GLU E 69 -11.24 -17.86 -2.35
C GLU E 69 -12.40 -17.16 -3.04
N PHE E 70 -13.09 -17.81 -3.97
CA PHE E 70 -14.24 -17.16 -4.56
C PHE E 70 -15.14 -18.21 -5.17
N THR E 71 -16.38 -17.76 -5.39
CA THR E 71 -17.42 -18.60 -5.96
C THR E 71 -17.92 -17.83 -7.18
N PRO E 72 -17.50 -18.17 -8.41
CA PRO E 72 -17.91 -17.40 -9.58
C PRO E 72 -19.42 -17.49 -9.80
N THR E 73 -19.94 -16.40 -10.37
CA THR E 73 -21.33 -16.10 -10.64
C THR E 73 -21.42 -15.58 -12.07
N GLU E 74 -22.65 -15.46 -12.63
CA GLU E 74 -22.89 -14.92 -13.96
C GLU E 74 -22.61 -13.40 -14.01
N THR E 75 -22.87 -12.69 -12.88
CA THR E 75 -22.96 -11.24 -12.72
C THR E 75 -21.59 -10.64 -12.32
N ASP E 76 -20.82 -11.35 -11.47
CA ASP E 76 -19.72 -10.74 -10.72
C ASP E 76 -18.50 -10.60 -11.63
N THR E 77 -17.82 -9.45 -11.52
CA THR E 77 -16.54 -9.20 -12.16
C THR E 77 -15.41 -9.24 -11.13
N TYR E 78 -14.26 -9.73 -11.59
CA TYR E 78 -13.06 -9.78 -10.78
C TYR E 78 -11.88 -9.24 -11.57
N ALA E 79 -10.88 -8.72 -10.83
CA ALA E 79 -9.71 -8.12 -11.42
C ALA E 79 -8.56 -8.15 -10.42
N CYS E 80 -7.41 -7.89 -10.98
CA CYS E 80 -6.25 -7.73 -10.14
C CYS E 80 -5.66 -6.40 -10.55
N ARG E 81 -5.30 -5.53 -9.58
CA ARG E 81 -4.80 -4.22 -9.96
C ARG E 81 -3.41 -4.06 -9.38
N VAL E 82 -2.49 -3.57 -10.20
CA VAL E 82 -1.10 -3.56 -9.79
C VAL E 82 -0.52 -2.15 -9.89
N LYS E 83 0.17 -1.68 -8.82
CA LYS E 83 0.94 -0.46 -8.98
C LYS E 83 2.43 -0.75 -8.88
N HIS E 84 3.21 -0.13 -9.77
CA HIS E 84 4.65 -0.33 -9.76
C HIS E 84 5.29 0.88 -10.41
N ASP E 85 6.52 1.21 -10.01
CA ASP E 85 7.19 2.42 -10.47
C ASP E 85 7.40 2.48 -11.99
N SER E 86 7.50 1.34 -12.68
CA SER E 86 7.69 1.33 -14.11
C SER E 86 6.45 1.83 -14.86
N MET E 87 5.30 2.05 -14.23
CA MET E 87 4.12 2.43 -15.02
C MET E 87 3.58 3.72 -14.43
N ALA E 88 3.15 4.67 -15.28
CA ALA E 88 2.59 5.96 -14.85
C ALA E 88 1.31 5.79 -14.02
N GLU E 89 0.52 4.74 -14.30
CA GLU E 89 -0.77 4.55 -13.66
C GLU E 89 -0.95 3.10 -13.22
N PRO E 90 -1.81 2.78 -12.24
CA PRO E 90 -2.05 1.38 -11.89
C PRO E 90 -2.54 0.56 -13.09
N LYS E 91 -2.17 -0.71 -13.23
CA LYS E 91 -2.64 -1.53 -14.33
C LYS E 91 -3.68 -2.52 -13.78
N THR E 92 -4.86 -2.56 -14.41
CA THR E 92 -5.91 -3.44 -13.92
C THR E 92 -6.11 -4.59 -14.93
N VAL E 93 -6.08 -5.85 -14.48
CA VAL E 93 -6.34 -6.91 -15.44
C VAL E 93 -7.62 -7.63 -15.01
N TYR E 94 -8.60 -7.82 -15.91
CA TYR E 94 -9.89 -8.38 -15.52
C TYR E 94 -9.82 -9.91 -15.60
N TRP E 95 -10.47 -10.67 -14.73
CA TRP E 95 -10.56 -12.10 -14.98
C TRP E 95 -11.42 -12.40 -16.20
N ASP E 96 -10.89 -13.21 -17.12
CA ASP E 96 -11.70 -13.70 -18.25
C ASP E 96 -11.79 -15.20 -18.05
N ARG E 97 -12.99 -15.73 -17.84
CA ARG E 97 -13.08 -17.13 -17.45
C ARG E 97 -12.67 -18.09 -18.56
N ASP E 98 -12.46 -17.56 -19.79
CA ASP E 98 -11.93 -18.35 -20.89
C ASP E 98 -10.39 -18.37 -20.98
N MET E 99 -9.58 -17.77 -20.03
CA MET E 99 -8.11 -17.58 -20.19
C MET E 99 -7.26 -17.89 -18.94
N ILE F 1 21.88 -27.71 2.54
CA ILE F 1 22.12 -26.48 3.35
C ILE F 1 22.63 -25.38 2.44
N GLY F 2 22.52 -24.16 2.96
CA GLY F 2 22.72 -22.98 2.16
C GLY F 2 24.15 -22.45 2.25
N PRO F 3 24.48 -21.49 1.39
CA PRO F 3 25.85 -20.99 1.31
C PRO F 3 26.01 -19.81 2.26
N ARG F 4 27.29 -19.48 2.51
CA ARG F 4 27.63 -18.40 3.42
C ARG F 4 28.38 -17.34 2.60
N ALA F 5 27.85 -16.12 2.52
CA ALA F 5 28.48 -15.08 1.70
C ALA F 5 29.38 -14.16 2.52
N VAL F 6 30.49 -14.75 2.93
CA VAL F 6 31.31 -14.10 3.93
C VAL F 6 32.27 -13.09 3.29
N ASP F 7 32.65 -13.31 2.04
CA ASP F 7 33.34 -12.29 1.29
C ASP F 7 32.35 -11.21 0.84
N VAL F 8 32.80 -9.99 1.06
CA VAL F 8 31.95 -8.82 0.93
C VAL F 8 32.42 -8.02 -0.28
N LEU F 9 31.55 -7.14 -0.79
CA LEU F 9 31.83 -6.33 -1.98
C LEU F 9 33.07 -5.39 -1.83
#